data_6Y9T
#
_entry.id   6Y9T
#
_cell.length_a   73.210
_cell.length_b   105.300
_cell.length_c   92.230
_cell.angle_alpha   90.000
_cell.angle_beta   96.950
_cell.angle_gamma   90.000
#
_symmetry.space_group_name_H-M   'P 1 21 1'
#
loop_
_entity.id
_entity.type
_entity.pdbx_description
1 polymer Alpha-glucosidase
2 non-polymer 'CALCIUM ION'
3 water water
#
_entity_poly.entity_id   1
_entity_poly.type   'polypeptide(L)'
_entity_poly.pdbx_seq_one_letter_code
;MGSSHHHHHHSSGLVPRGSHMSHWYDHAIIYQIYPKSFQDSNDDGIGDLNGIRKRIPYLQNLGVNAVWLNPVFVSPQVDN
GYDVSNYFAIDSHMGTMEDMENLIKDLHKAGIHIIMDFVLNHTSDQHPWFQDAIKNPDSLYRDYYIFAGHDNKQPNNWGS
FFGGSVWEPDPAGTGQSYFHLFDKRMPDLNWKNPEVRHAMLEIAEFWLKKGIDGLRLDAFIHIGKADLRQNYPAMDDKPV
IAEPFFANLPQVQEWMRPFCEQIKEDYPDALLLGEAASASVNLAVDYTNKRNHLMDCVITFRYFTEDDSKIDKSYSAQYQ
PKELDLTAFKQNQVVWQQTLADISQPTLYWNNHDMARLATRIAKTSTQAKSLAMLMYLQRGIPIIYYGEELGLKNLHFTS
VDQFEDQTVAPWIKEAQKAGISRDAAFAMVSDTHKLPARGPMPWNDTENNGFTSAKPWLNGISQDDVTVANEVNSDNSMF
TFYKNMLNLKKEKLFQDGTYYMISTGKDSYVYQRDLGNESAIVAVSLSNKKISIDLPEEYIKELLKAGEYQLTNGKLTLM
PYAGVVLKKEN
;
_entity_poly.pdbx_strand_id   A,B
#
# COMPACT_ATOMS: atom_id res chain seq x y z
N MET A 21 0.00 30.50 -6.86
CA MET A 21 1.45 30.77 -7.10
C MET A 21 2.16 29.55 -7.71
N SER A 22 3.28 29.81 -8.38
CA SER A 22 4.21 28.77 -8.86
C SER A 22 5.61 29.06 -8.31
N HIS A 23 6.32 27.99 -7.96
CA HIS A 23 7.58 28.04 -7.22
C HIS A 23 8.70 27.52 -8.11
N TRP A 24 9.94 27.91 -7.79
CA TRP A 24 11.12 27.54 -8.61
C TRP A 24 11.23 26.03 -8.90
N TYR A 25 10.85 25.21 -7.93
CA TYR A 25 11.04 23.76 -8.01
C TYR A 25 10.06 23.07 -8.96
N ASP A 26 8.99 23.75 -9.36
CA ASP A 26 8.04 23.19 -10.37
C ASP A 26 8.72 22.89 -11.72
N HIS A 27 9.73 23.69 -12.03
CA HIS A 27 10.55 23.55 -13.22
C HIS A 27 11.97 23.28 -12.76
N ALA A 28 12.12 22.32 -11.87
CA ALA A 28 13.42 21.97 -11.32
C ALA A 28 14.17 20.95 -12.18
N ILE A 29 15.49 20.96 -12.05
CA ILE A 29 16.41 20.00 -12.70
C ILE A 29 17.61 19.81 -11.79
N ILE A 30 17.71 18.63 -11.18
CA ILE A 30 18.58 18.47 -10.02
C ILE A 30 19.82 17.64 -10.32
N TYR A 31 20.98 18.15 -9.87
CA TYR A 31 22.29 17.47 -10.01
C TYR A 31 22.82 17.05 -8.66
N GLN A 32 22.83 15.74 -8.41
CA GLN A 32 23.27 15.19 -7.13
C GLN A 32 24.79 15.06 -7.04
N ILE A 33 25.39 15.64 -5.99
CA ILE A 33 26.83 15.54 -5.74
C ILE A 33 27.16 14.78 -4.44
N TYR A 34 28.05 13.81 -4.57
CA TYR A 34 28.71 13.17 -3.43
C TYR A 34 30.05 13.91 -3.31
N PRO A 35 30.09 14.92 -2.44
CA PRO A 35 31.12 15.94 -2.53
C PRO A 35 32.57 15.48 -2.26
N LYS A 36 32.74 14.35 -1.55
CA LYS A 36 34.03 13.64 -1.42
C LYS A 36 34.64 13.24 -2.75
N SER A 37 33.82 13.05 -3.78
CA SER A 37 34.32 12.60 -5.10
C SER A 37 34.14 13.63 -6.21
N PHE A 38 33.75 14.86 -5.87
CA PHE A 38 33.53 15.87 -6.88
C PHE A 38 34.77 16.65 -7.24
N GLN A 39 35.33 17.42 -6.32
CA GLN A 39 36.59 18.15 -6.58
C GLN A 39 37.36 18.48 -5.30
N ASP A 40 38.60 17.99 -5.22
CA ASP A 40 39.51 18.30 -4.09
C ASP A 40 40.30 19.58 -4.38
N SER A 41 40.26 20.51 -3.43
CA SER A 41 40.91 21.81 -3.58
C SER A 41 42.02 22.13 -2.52
N ASN A 42 42.34 21.16 -1.65
CA ASN A 42 43.42 21.29 -0.69
C ASN A 42 44.32 20.05 -0.61
N ASP A 43 44.34 19.25 -1.69
CA ASP A 43 45.28 18.11 -1.84
C ASP A 43 45.30 17.09 -0.68
N ASP A 44 44.13 16.78 -0.13
CA ASP A 44 44.00 15.70 0.86
C ASP A 44 43.40 14.44 0.24
N GLY A 45 43.10 14.51 -1.06
CA GLY A 45 42.47 13.40 -1.76
C GLY A 45 40.99 13.25 -1.47
N ILE A 46 40.39 14.20 -0.76
CA ILE A 46 38.98 14.16 -0.39
C ILE A 46 38.33 15.41 -0.92
N GLY A 47 37.28 15.24 -1.70
CA GLY A 47 36.60 16.36 -2.30
C GLY A 47 35.98 17.26 -1.26
N ASP A 48 35.90 18.55 -1.58
CA ASP A 48 35.42 19.55 -0.65
C ASP A 48 34.54 20.57 -1.34
N LEU A 49 33.93 21.41 -0.52
CA LEU A 49 32.97 22.41 -0.96
C LEU A 49 33.61 23.47 -1.80
N ASN A 50 34.85 23.86 -1.48
CA ASN A 50 35.58 24.81 -2.30
C ASN A 50 35.86 24.23 -3.70
N GLY A 51 36.04 22.92 -3.79
CA GLY A 51 36.12 22.27 -5.09
C GLY A 51 34.89 22.53 -5.94
N ILE A 52 33.73 22.37 -5.33
CA ILE A 52 32.44 22.53 -6.04
C ILE A 52 32.25 23.97 -6.51
N ARG A 53 32.64 24.91 -5.67
CA ARG A 53 32.64 26.33 -6.06
C ARG A 53 33.47 26.59 -7.35
N LYS A 54 34.62 25.92 -7.49
CA LYS A 54 35.48 25.99 -8.70
C LYS A 54 34.85 25.50 -9.98
N ARG A 55 33.86 24.61 -9.83
CA ARG A 55 33.22 23.97 -10.95
C ARG A 55 31.77 24.41 -11.16
N ILE A 56 31.40 25.58 -10.62
CA ILE A 56 30.10 26.18 -10.92
C ILE A 56 29.97 26.49 -12.43
N PRO A 57 31.05 26.96 -13.08
CA PRO A 57 31.01 27.18 -14.54
C PRO A 57 30.60 25.95 -15.36
N TYR A 58 31.17 24.80 -15.00
CA TYR A 58 30.78 23.53 -15.59
C TYR A 58 29.29 23.24 -15.40
N LEU A 59 28.77 23.40 -14.18
CA LEU A 59 27.36 23.16 -13.91
C LEU A 59 26.40 24.02 -14.73
N GLN A 60 26.76 25.29 -14.91
CA GLN A 60 25.93 26.21 -15.70
C GLN A 60 25.88 25.78 -17.16
N ASN A 61 27.03 25.34 -17.69
CA ASN A 61 27.15 24.85 -19.06
C ASN A 61 26.33 23.59 -19.28
N LEU A 62 26.32 22.69 -18.30
CA LEU A 62 25.42 21.52 -18.34
C LEU A 62 23.97 21.99 -18.35
N GLY A 63 23.65 22.98 -17.51
CA GLY A 63 22.35 23.61 -17.51
C GLY A 63 21.49 23.24 -16.32
N VAL A 64 22.01 22.40 -15.43
CA VAL A 64 21.33 22.12 -14.18
C VAL A 64 21.02 23.39 -13.42
N ASN A 65 19.86 23.42 -12.78
CA ASN A 65 19.42 24.62 -12.05
C ASN A 65 19.42 24.43 -10.55
N ALA A 66 19.86 23.26 -10.10
CA ALA A 66 19.88 22.93 -8.66
C ALA A 66 20.83 21.76 -8.33
N VAL A 67 21.56 21.91 -7.22
CA VAL A 67 22.47 20.92 -6.73
C VAL A 67 21.92 20.34 -5.42
N TRP A 68 21.78 19.02 -5.37
CA TRP A 68 21.52 18.33 -4.11
C TRP A 68 22.84 17.69 -3.69
N LEU A 69 23.51 18.22 -2.67
CA LEU A 69 24.73 17.55 -2.20
C LEU A 69 24.43 16.63 -1.04
N ASN A 70 25.20 15.54 -0.99
CA ASN A 70 25.08 14.54 0.05
C ASN A 70 25.42 15.17 1.39
N PRO A 71 25.15 14.46 2.50
CA PRO A 71 25.39 15.05 3.80
C PRO A 71 26.81 15.58 3.98
N VAL A 72 26.89 16.73 4.62
CA VAL A 72 28.14 17.41 4.86
C VAL A 72 28.22 17.92 6.33
N PHE A 73 27.36 17.39 7.20
CA PHE A 73 27.35 17.78 8.61
C PHE A 73 28.49 17.05 9.32
N VAL A 74 28.92 17.57 10.46
CA VAL A 74 29.97 16.90 11.24
C VAL A 74 29.40 15.56 11.66
N SER A 75 30.21 14.52 11.51
CA SER A 75 29.70 13.16 11.62
C SER A 75 30.85 12.17 11.72
N PRO A 76 30.65 11.06 12.48
CA PRO A 76 31.65 9.99 12.54
C PRO A 76 31.98 9.30 11.22
N GLN A 77 31.18 9.52 10.16
CA GLN A 77 31.37 8.83 8.87
C GLN A 77 31.18 7.30 9.02
N VAL A 78 30.32 6.89 9.96
CA VAL A 78 30.06 5.48 10.19
C VAL A 78 29.13 4.98 9.08
N ASP A 79 28.31 5.86 8.52
CA ASP A 79 27.34 5.51 7.44
C ASP A 79 27.16 6.71 6.46
N ASN A 80 28.23 7.05 5.73
CA ASN A 80 28.28 8.25 4.85
C ASN A 80 27.63 9.51 5.41
N GLY A 81 27.88 9.81 6.67
CA GLY A 81 27.41 11.06 7.27
C GLY A 81 25.90 11.23 7.54
N TYR A 82 25.10 10.18 7.38
CA TYR A 82 23.68 10.18 7.79
C TYR A 82 23.51 9.92 9.33
N ASP A 83 24.58 9.34 9.91
CA ASP A 83 24.81 9.28 11.37
C ASP A 83 25.35 10.63 11.83
N VAL A 84 24.44 11.56 12.09
CA VAL A 84 24.83 12.94 12.32
C VAL A 84 25.12 13.17 13.81
N SER A 85 26.28 13.78 14.13
CA SER A 85 26.64 14.15 15.51
C SER A 85 26.58 15.65 15.77
N ASN A 86 26.43 16.48 14.72
CA ASN A 86 26.20 17.95 14.88
C ASN A 86 25.69 18.65 13.58
N TYR A 87 24.39 18.95 13.55
CA TYR A 87 23.76 19.62 12.41
C TYR A 87 24.17 21.09 12.21
N PHE A 88 24.75 21.72 13.24
CA PHE A 88 25.06 23.15 13.21
C PHE A 88 26.50 23.55 12.82
N ALA A 89 27.32 22.57 12.44
CA ALA A 89 28.62 22.85 11.82
C ALA A 89 28.79 21.89 10.65
N ILE A 90 30.02 21.60 10.27
CA ILE A 90 30.32 21.15 8.93
C ILE A 90 31.63 20.34 8.89
N ASP A 91 31.56 19.09 8.42
CA ASP A 91 32.65 18.10 8.56
C ASP A 91 33.98 18.69 8.11
N SER A 92 35.01 18.49 8.93
CA SER A 92 36.29 19.18 8.78
C SER A 92 36.95 18.94 7.42
N HIS A 93 36.81 17.73 6.87
CA HIS A 93 37.42 17.38 5.56
C HIS A 93 36.83 18.18 4.40
N MET A 94 35.54 18.55 4.55
CA MET A 94 34.73 19.20 3.51
C MET A 94 34.93 20.69 3.49
N GLY A 95 35.12 21.27 4.67
CA GLY A 95 35.53 22.64 4.78
C GLY A 95 34.89 23.26 5.99
N THR A 96 34.65 24.56 5.88
CA THR A 96 34.21 25.37 6.99
C THR A 96 32.86 26.00 6.67
N MET A 97 32.12 26.37 7.71
CA MET A 97 30.82 27.02 7.58
C MET A 97 30.91 28.23 6.63
N GLU A 98 32.04 28.93 6.72
CA GLU A 98 32.38 30.03 5.80
C GLU A 98 32.33 29.54 4.34
N ASP A 99 32.97 28.40 4.06
CA ASP A 99 32.95 27.79 2.72
C ASP A 99 31.52 27.46 2.26
N MET A 100 30.72 26.90 3.17
CA MET A 100 29.33 26.50 2.86
C MET A 100 28.41 27.70 2.62
N GLU A 101 28.51 28.72 3.46
CA GLU A 101 27.80 29.97 3.22
C GLU A 101 28.19 30.55 1.85
N ASN A 102 29.48 30.49 1.50
CA ASN A 102 29.97 30.99 0.20
C ASN A 102 29.53 30.15 -0.98
N LEU A 103 29.53 28.82 -0.82
CA LEU A 103 28.98 27.95 -1.87
C LEU A 103 27.52 28.29 -2.18
N ILE A 104 26.69 28.45 -1.13
CA ILE A 104 25.28 28.82 -1.32
C ILE A 104 25.11 30.25 -1.84
N LYS A 105 26.07 31.14 -1.56
CA LYS A 105 26.07 32.48 -2.19
C LYS A 105 26.47 32.36 -3.69
N ASP A 106 27.55 31.65 -3.99
CA ASP A 106 28.03 31.50 -5.37
C ASP A 106 27.01 30.82 -6.25
N LEU A 107 26.42 29.73 -5.76
CA LEU A 107 25.41 29.01 -6.55
C LEU A 107 24.20 29.90 -6.85
N HIS A 108 23.70 30.61 -5.83
CA HIS A 108 22.55 31.53 -6.01
C HIS A 108 22.88 32.61 -7.06
N LYS A 109 24.13 33.06 -7.11
CA LYS A 109 24.57 34.03 -8.13
C LYS A 109 24.61 33.47 -9.55
N ALA A 110 24.78 32.15 -9.67
CA ALA A 110 24.70 31.42 -10.93
C ALA A 110 23.28 30.95 -11.26
N GLY A 111 22.27 31.41 -10.53
CA GLY A 111 20.87 30.99 -10.73
C GLY A 111 20.63 29.53 -10.40
N ILE A 112 21.44 28.99 -9.47
CA ILE A 112 21.37 27.57 -9.07
C ILE A 112 20.98 27.47 -7.58
N HIS A 113 20.10 26.53 -7.28
CA HIS A 113 19.61 26.32 -5.93
C HIS A 113 20.46 25.24 -5.27
N ILE A 114 20.20 24.97 -4.01
CA ILE A 114 20.88 23.89 -3.30
C ILE A 114 19.93 23.23 -2.33
N ILE A 115 20.03 21.90 -2.20
CA ILE A 115 19.23 21.18 -1.21
C ILE A 115 20.08 20.15 -0.49
N MET A 116 19.79 19.91 0.79
CA MET A 116 20.64 19.03 1.61
C MET A 116 19.86 17.85 2.17
N ASP A 117 20.58 16.74 2.34
CA ASP A 117 20.05 15.54 3.00
C ASP A 117 19.91 15.83 4.47
N PHE A 118 18.69 15.80 5.00
CA PHE A 118 18.44 16.00 6.43
C PHE A 118 17.63 14.81 6.93
N VAL A 119 18.18 14.09 7.90
CA VAL A 119 17.67 12.79 8.34
C VAL A 119 16.85 12.94 9.64
N LEU A 120 15.58 12.53 9.60
CA LEU A 120 14.70 12.86 10.73
C LEU A 120 14.50 11.73 11.71
N ASN A 121 15.19 10.62 11.52
CA ASN A 121 14.89 9.41 12.31
C ASN A 121 15.93 9.10 13.35
N HIS A 122 17.14 9.61 13.20
CA HIS A 122 18.20 9.24 14.13
C HIS A 122 19.36 10.22 14.09
N THR A 123 20.20 10.13 15.11
CA THR A 123 21.50 10.81 15.17
C THR A 123 22.54 9.72 15.35
N SER A 124 23.80 10.12 15.44
CA SER A 124 24.84 9.19 15.87
C SER A 124 24.89 9.14 17.39
N ASP A 125 25.39 8.02 17.91
CA ASP A 125 25.80 7.87 19.32
C ASP A 125 26.66 9.05 19.83
N GLN A 126 27.40 9.69 18.93
CA GLN A 126 28.20 10.88 19.24
C GLN A 126 27.45 12.20 19.45
N HIS A 127 26.18 12.30 19.05
CA HIS A 127 25.46 13.58 19.18
C HIS A 127 25.39 13.98 20.65
N PRO A 128 25.66 15.25 20.99
CA PRO A 128 25.55 15.74 22.37
C PRO A 128 24.38 15.18 23.18
N TRP A 129 23.18 15.21 22.60
CA TRP A 129 21.96 14.65 23.21
C TRP A 129 22.11 13.20 23.63
N PHE A 130 22.66 12.37 22.76
CA PHE A 130 22.81 10.95 23.11
C PHE A 130 23.92 10.75 24.12
N GLN A 131 24.99 11.52 23.96
CA GLN A 131 26.07 11.52 24.92
C GLN A 131 25.63 11.97 26.32
N ASP A 132 24.61 12.81 26.41
CA ASP A 132 24.04 13.16 27.72
C ASP A 132 23.25 11.99 28.31
N ALA A 133 22.41 11.33 27.51
CA ALA A 133 21.59 10.24 28.04
C ALA A 133 22.36 8.96 28.31
N ILE A 134 23.40 8.69 27.52
CA ILE A 134 24.29 7.54 27.77
C ILE A 134 25.12 7.70 29.07
N LYS A 135 25.35 8.94 29.51
CA LYS A 135 26.18 9.24 30.68
C LYS A 135 25.41 9.71 31.92
N ASN A 136 24.21 10.22 31.73
CA ASN A 136 23.33 10.51 32.82
C ASN A 136 22.02 9.72 32.64
N PRO A 137 21.86 8.62 33.39
CA PRO A 137 20.57 7.90 33.31
C PRO A 137 19.36 8.71 33.78
N ASP A 138 19.57 9.75 34.59
CA ASP A 138 18.47 10.65 35.03
C ASP A 138 18.29 11.90 34.15
N SER A 139 18.80 11.88 32.90
CA SER A 139 18.75 13.06 32.02
C SER A 139 17.42 13.20 31.30
N LEU A 140 17.05 14.44 31.03
CA LEU A 140 15.89 14.67 30.22
C LEU A 140 16.16 14.30 28.73
N TYR A 141 17.43 14.15 28.30
CA TYR A 141 17.76 13.67 26.94
C TYR A 141 17.61 12.14 26.73
N ARG A 142 17.22 11.41 27.76
CA ARG A 142 16.82 10.02 27.60
C ARG A 142 15.48 9.91 26.82
N ASP A 143 14.59 10.89 26.97
CA ASP A 143 13.33 10.97 26.21
C ASP A 143 13.50 11.37 24.75
N TYR A 144 14.60 12.03 24.43
CA TYR A 144 14.94 12.37 23.02
C TYR A 144 15.29 11.16 22.16
N TYR A 145 15.54 10.02 22.81
CA TYR A 145 15.75 8.73 22.14
C TYR A 145 14.80 7.71 22.72
N ILE A 146 14.86 6.47 22.21
CA ILE A 146 13.89 5.45 22.60
C ILE A 146 14.51 4.37 23.49
N PHE A 147 14.24 4.46 24.81
CA PHE A 147 14.79 3.57 25.84
C PHE A 147 13.73 2.73 26.49
N ALA A 148 13.99 1.43 26.64
CA ALA A 148 13.15 0.51 27.42
C ALA A 148 13.85 -0.81 27.70
N GLY A 149 13.44 -1.50 28.77
CA GLY A 149 14.02 -2.80 29.11
C GLY A 149 14.12 -3.17 30.57
N HIS A 150 14.40 -4.44 30.83
CA HIS A 150 14.69 -4.92 32.18
C HIS A 150 15.92 -5.82 32.10
N ASP A 151 17.01 -5.44 32.78
CA ASP A 151 18.21 -6.29 32.95
C ASP A 151 18.88 -6.73 31.63
N ASN A 152 19.20 -5.78 30.77
CA ASN A 152 19.78 -6.03 29.43
C ASN A 152 18.96 -6.99 28.57
N LYS A 153 17.65 -7.08 28.84
CA LYS A 153 16.68 -7.88 28.08
C LYS A 153 16.14 -6.96 27.01
N GLN A 154 15.86 -7.51 25.83
CA GLN A 154 15.18 -6.76 24.77
C GLN A 154 13.67 -6.89 25.02
N PRO A 155 12.94 -5.75 25.18
CA PRO A 155 11.50 -5.84 25.48
C PRO A 155 10.63 -6.36 24.34
N ASN A 156 11.18 -6.47 23.12
CA ASN A 156 10.51 -7.18 22.02
C ASN A 156 11.47 -7.66 20.94
N ASN A 157 10.94 -8.43 19.98
CA ASN A 157 11.75 -9.10 18.98
C ASN A 157 12.03 -8.31 17.69
N TRP A 158 11.82 -6.98 17.69
CA TRP A 158 11.98 -6.26 16.43
C TRP A 158 13.46 -6.29 16.06
N GLY A 159 13.74 -6.55 14.77
CA GLY A 159 15.11 -6.65 14.23
C GLY A 159 15.43 -5.46 13.34
N SER A 160 16.68 -5.01 13.42
CA SER A 160 17.15 -3.86 12.63
C SER A 160 17.41 -4.26 11.17
N PHE A 161 17.45 -3.26 10.31
CA PHE A 161 17.79 -3.44 8.89
C PHE A 161 19.26 -3.78 8.73
N PHE A 162 20.09 -3.43 9.73
CA PHE A 162 21.52 -3.78 9.69
C PHE A 162 21.92 -5.12 10.39
N GLY A 163 20.98 -5.77 11.08
CA GLY A 163 21.19 -7.15 11.56
C GLY A 163 20.94 -7.24 13.04
N GLY A 164 20.63 -8.45 13.50
CA GLY A 164 20.30 -8.67 14.91
C GLY A 164 19.12 -7.83 15.36
N SER A 165 19.14 -7.40 16.63
CA SER A 165 18.04 -6.65 17.23
C SER A 165 18.17 -5.15 16.98
N VAL A 166 17.03 -4.47 17.12
CA VAL A 166 16.97 -3.00 17.15
C VAL A 166 17.41 -2.45 18.50
N TRP A 167 17.35 -3.30 19.51
CA TRP A 167 17.73 -2.95 20.86
C TRP A 167 19.25 -3.09 21.06
N GLU A 168 19.78 -2.26 21.95
CA GLU A 168 21.18 -2.32 22.34
C GLU A 168 21.18 -1.91 23.80
N PRO A 169 21.71 -2.78 24.69
CA PRO A 169 21.62 -2.42 26.11
C PRO A 169 22.49 -1.22 26.38
N ASP A 170 21.97 -0.24 27.11
CA ASP A 170 22.65 1.06 27.18
C ASP A 170 23.94 0.98 27.95
N PRO A 171 24.98 1.69 27.48
CA PRO A 171 26.19 1.69 28.30
C PRO A 171 26.02 2.30 29.70
N ALA A 172 25.06 3.20 29.89
CA ALA A 172 24.91 3.97 31.15
C ALA A 172 25.16 3.29 32.53
N GLY A 173 24.74 2.05 32.77
CA GLY A 173 23.94 1.23 31.87
C GLY A 173 22.90 0.50 32.71
N THR A 174 21.72 1.08 32.81
CA THR A 174 20.73 0.71 33.81
C THR A 174 20.04 -0.65 33.60
N GLY A 175 20.41 -1.39 32.55
CA GLY A 175 19.68 -2.61 32.21
C GLY A 175 18.38 -2.28 31.48
N GLN A 176 18.43 -1.19 30.71
CA GLN A 176 17.45 -0.86 29.70
C GLN A 176 18.17 -1.04 28.37
N SER A 177 17.53 -0.60 27.29
CA SER A 177 18.14 -0.67 25.98
C SER A 177 17.56 0.40 25.07
N TYR A 178 18.39 0.97 24.19
CA TYR A 178 17.96 2.06 23.29
C TYR A 178 17.68 1.54 21.90
N PHE A 179 16.79 2.23 21.19
CA PHE A 179 16.34 1.81 19.87
C PHE A 179 17.28 2.36 18.83
N HIS A 180 17.74 1.48 17.93
CA HIS A 180 18.40 1.86 16.66
C HIS A 180 17.78 1.01 15.56
N LEU A 181 17.29 1.65 14.51
CA LEU A 181 16.65 0.94 13.42
C LEU A 181 17.69 0.51 12.40
N PHE A 182 18.84 1.14 12.41
CA PHE A 182 19.89 0.77 11.49
C PHE A 182 21.06 0.28 12.32
N ASP A 183 22.25 0.88 12.22
CA ASP A 183 23.42 0.42 12.99
C ASP A 183 23.28 0.73 14.48
N LYS A 184 23.92 -0.14 15.28
CA LYS A 184 24.01 0.00 16.74
C LYS A 184 24.44 1.39 17.21
N ARG A 185 25.26 2.07 16.41
CA ARG A 185 25.74 3.44 16.71
C ARG A 185 24.84 4.59 16.18
N MET A 186 23.67 4.28 15.61
CA MET A 186 22.75 5.30 15.11
C MET A 186 21.40 5.13 15.81
N PRO A 187 21.30 5.68 17.04
CA PRO A 187 20.10 5.59 17.86
C PRO A 187 18.92 6.40 17.35
N ASP A 188 17.74 5.85 17.44
CA ASP A 188 16.56 6.51 16.88
C ASP A 188 16.01 7.58 17.79
N LEU A 189 15.47 8.64 17.15
CA LEU A 189 14.79 9.72 17.84
C LEU A 189 13.38 9.38 18.20
N ASN A 190 12.98 9.78 19.40
CA ASN A 190 11.62 9.61 19.84
C ASN A 190 10.74 10.79 19.38
N TRP A 191 9.98 10.59 18.29
CA TRP A 191 9.13 11.69 17.76
C TRP A 191 7.86 11.90 18.57
N LYS A 192 7.57 10.99 19.51
CA LYS A 192 6.44 11.16 20.45
C LYS A 192 6.64 12.40 21.33
N ASN A 193 7.88 12.54 21.81
CA ASN A 193 8.33 13.65 22.67
C ASN A 193 8.45 14.93 21.82
N PRO A 194 7.59 15.94 22.09
CA PRO A 194 7.55 17.15 21.23
C PRO A 194 8.79 18.01 21.30
N GLU A 195 9.62 17.77 22.31
CA GLU A 195 10.90 18.45 22.41
C GLU A 195 11.83 18.07 21.25
N VAL A 196 11.77 16.84 20.72
CA VAL A 196 12.57 16.51 19.48
C VAL A 196 11.98 17.23 18.27
N ARG A 197 10.65 17.25 18.20
CA ARG A 197 9.96 17.76 17.02
C ARG A 197 10.29 19.22 16.78
N HIS A 198 10.24 20.03 17.84
CA HIS A 198 10.69 21.41 17.74
C HIS A 198 12.17 21.46 17.34
N ALA A 199 13.00 20.60 17.93
CA ALA A 199 14.47 20.62 17.72
C ALA A 199 14.87 20.35 16.28
N MET A 200 14.21 19.38 15.68
CA MET A 200 14.46 19.02 14.29
C MET A 200 14.01 20.16 13.36
N LEU A 201 12.91 20.81 13.74
CA LEU A 201 12.38 21.97 13.02
C LEU A 201 13.40 23.09 13.05
N GLU A 202 13.95 23.31 14.23
CA GLU A 202 14.96 24.35 14.43
C GLU A 202 16.18 24.09 13.58
N ILE A 203 16.59 22.84 13.46
CA ILE A 203 17.68 22.48 12.52
C ILE A 203 17.35 22.86 11.04
N ALA A 204 16.15 22.49 10.60
CA ALA A 204 15.68 22.80 9.25
C ALA A 204 15.62 24.32 8.98
N GLU A 205 14.98 25.04 9.91
CA GLU A 205 14.91 26.52 9.86
C GLU A 205 16.29 27.19 9.85
N PHE A 206 17.21 26.71 10.68
CA PHE A 206 18.60 27.18 10.74
C PHE A 206 19.24 27.20 9.35
N TRP A 207 19.10 26.07 8.64
CA TRP A 207 19.69 25.92 7.33
C TRP A 207 18.93 26.68 6.29
N LEU A 208 17.60 26.70 6.41
CA LEU A 208 16.82 27.50 5.47
C LEU A 208 17.18 28.99 5.57
N LYS A 209 17.49 29.47 6.77
CA LYS A 209 17.89 30.87 6.95
C LYS A 209 19.24 31.17 6.29
N LYS A 210 20.14 30.19 6.29
CA LYS A 210 21.38 30.28 5.51
C LYS A 210 21.10 30.60 4.04
N GLY A 211 19.99 30.05 3.55
CA GLY A 211 19.51 30.27 2.20
C GLY A 211 19.57 29.02 1.36
N ILE A 212 19.62 27.83 1.98
CA ILE A 212 19.50 26.62 1.19
C ILE A 212 18.02 26.49 0.80
N ASP A 213 17.78 26.05 -0.43
CA ASP A 213 16.47 26.23 -1.08
C ASP A 213 15.51 25.03 -0.86
N GLY A 214 16.03 23.92 -0.31
CA GLY A 214 15.21 22.78 -0.06
C GLY A 214 15.92 21.73 0.74
N LEU A 215 15.28 20.59 0.93
CA LEU A 215 15.77 19.60 1.86
C LEU A 215 15.22 18.23 1.49
N ARG A 216 16.11 17.25 1.45
CA ARG A 216 15.74 15.86 1.24
C ARG A 216 15.52 15.18 2.59
N LEU A 217 14.25 15.03 2.93
CA LEU A 217 13.87 14.54 4.23
C LEU A 217 14.01 13.03 4.27
N ASP A 218 15.06 12.57 4.93
CA ASP A 218 15.52 11.19 4.84
C ASP A 218 14.99 10.26 5.94
N ALA A 219 14.56 9.08 5.54
CA ALA A 219 14.05 8.07 6.45
C ALA A 219 12.85 8.57 7.26
N PHE A 220 12.15 9.56 6.74
CA PHE A 220 11.05 10.16 7.49
C PHE A 220 9.92 9.19 7.75
N ILE A 221 9.72 8.25 6.84
CA ILE A 221 8.76 7.14 7.02
C ILE A 221 8.85 6.34 8.31
N HIS A 222 9.98 6.44 9.02
CA HIS A 222 10.27 5.58 10.18
C HIS A 222 10.12 6.29 11.53
N ILE A 223 9.91 7.60 11.52
CA ILE A 223 9.59 8.31 12.76
C ILE A 223 8.42 7.65 13.52
N GLY A 224 7.51 7.00 12.81
CA GLY A 224 6.39 6.28 13.44
C GLY A 224 6.73 4.84 13.76
N LYS A 225 6.57 4.46 15.02
CA LYS A 225 6.88 3.11 15.47
C LYS A 225 5.76 2.70 16.39
N ALA A 226 5.45 1.41 16.34
CA ALA A 226 4.27 0.89 16.99
C ALA A 226 4.35 0.95 18.51
N ASP A 227 3.34 0.41 19.18
CA ASP A 227 3.40 0.15 20.62
C ASP A 227 4.58 -0.78 20.91
N LEU A 228 5.51 -0.30 21.73
CA LEU A 228 6.75 -1.01 21.99
C LEU A 228 6.51 -2.35 22.66
N ARG A 229 5.46 -2.42 23.46
CA ARG A 229 5.06 -3.66 24.15
C ARG A 229 4.71 -4.82 23.19
N GLN A 230 4.34 -4.52 21.95
CA GLN A 230 3.97 -5.59 20.98
C GLN A 230 5.19 -6.30 20.41
N ASN A 231 5.01 -7.57 20.06
CA ASN A 231 5.93 -8.32 19.21
C ASN A 231 5.31 -8.47 17.83
N TYR A 232 6.12 -8.93 16.88
CA TYR A 232 5.65 -9.34 15.57
C TYR A 232 5.74 -10.87 15.59
N PRO A 233 4.63 -11.60 15.32
CA PRO A 233 4.76 -13.06 15.22
C PRO A 233 5.50 -13.45 13.93
N ALA A 234 6.51 -14.34 14.04
CA ALA A 234 7.50 -14.52 12.98
C ALA A 234 7.83 -16.00 12.65
N MET A 235 8.96 -16.21 11.96
CA MET A 235 9.67 -17.52 11.90
C MET A 235 9.86 -18.06 13.33
N ASP A 236 10.33 -17.17 14.22
CA ASP A 236 10.58 -17.42 15.64
C ASP A 236 11.92 -18.15 15.83
N ASP A 237 12.69 -17.88 16.90
CA ASP A 237 12.54 -16.71 17.76
C ASP A 237 13.63 -15.67 17.46
N LYS A 238 14.25 -15.75 16.27
CA LYS A 238 15.19 -14.74 15.80
C LYS A 238 14.48 -13.40 15.52
N PRO A 239 15.02 -12.28 16.04
CA PRO A 239 14.45 -10.98 15.73
C PRO A 239 14.28 -10.71 14.24
N VAL A 240 13.17 -10.04 13.92
CA VAL A 240 12.61 -9.99 12.56
C VAL A 240 12.40 -8.54 12.08
N ILE A 241 12.70 -8.29 10.80
CA ILE A 241 12.58 -6.94 10.22
C ILE A 241 11.10 -6.61 9.94
N ALA A 242 10.45 -6.06 10.95
CA ALA A 242 8.99 -5.85 11.01
C ALA A 242 8.61 -4.47 10.52
N GLU A 243 8.63 -4.31 9.20
CA GLU A 243 8.33 -3.01 8.58
C GLU A 243 7.01 -2.43 9.07
N PRO A 244 5.93 -3.22 9.18
CA PRO A 244 4.64 -2.66 9.65
C PRO A 244 4.66 -1.95 10.99
N PHE A 245 5.56 -2.38 11.87
CA PHE A 245 5.68 -1.76 13.17
C PHE A 245 6.51 -0.48 13.17
N PHE A 246 7.32 -0.26 12.13
CA PHE A 246 8.19 0.94 12.08
C PHE A 246 8.37 1.60 10.72
N ALA A 247 7.33 1.52 9.90
CA ALA A 247 7.31 2.18 8.59
C ALA A 247 5.89 2.55 8.17
N ASN A 248 5.75 3.82 7.81
CA ASN A 248 4.56 4.43 7.20
C ASN A 248 3.37 4.54 8.12
N LEU A 249 3.59 4.66 9.42
CA LEU A 249 2.48 4.72 10.38
C LEU A 249 1.73 6.03 10.23
N PRO A 250 0.44 6.06 10.66
CA PRO A 250 -0.36 7.31 10.68
C PRO A 250 0.30 8.45 11.45
N GLN A 251 1.01 8.07 12.52
CA GLN A 251 1.85 9.00 13.32
C GLN A 251 2.84 9.78 12.43
N VAL A 252 3.46 9.10 11.43
CA VAL A 252 4.36 9.75 10.51
C VAL A 252 3.73 11.01 9.96
N GLN A 253 2.51 10.90 9.44
CA GLN A 253 1.89 12.05 8.76
C GLN A 253 1.53 13.13 9.75
N GLU A 254 0.87 12.79 10.87
CA GLU A 254 0.54 13.80 11.90
C GLU A 254 1.76 14.53 12.52
N TRP A 255 2.89 13.84 12.69
CA TRP A 255 4.12 14.49 13.19
C TRP A 255 4.82 15.31 12.11
N MET A 256 4.80 14.86 10.85
CA MET A 256 5.37 15.64 9.73
C MET A 256 4.56 16.88 9.37
N ARG A 257 3.24 16.83 9.58
CA ARG A 257 2.36 17.89 9.11
C ARG A 257 2.78 19.26 9.66
N PRO A 258 2.85 19.44 11.00
CA PRO A 258 3.29 20.73 11.52
C PRO A 258 4.75 21.05 11.20
N PHE A 259 5.60 20.05 11.14
CA PHE A 259 6.97 20.20 10.71
C PHE A 259 7.02 20.82 9.29
N CYS A 260 6.27 20.26 8.37
CA CYS A 260 6.22 20.77 6.99
C CYS A 260 5.54 22.15 6.89
N GLU A 261 4.40 22.31 7.56
CA GLU A 261 3.63 23.55 7.48
C GLU A 261 4.42 24.72 7.98
N GLN A 262 5.14 24.51 9.07
CA GLN A 262 5.99 25.59 9.64
C GLN A 262 7.12 26.00 8.71
N ILE A 263 7.80 25.02 8.08
CA ILE A 263 8.85 25.29 7.07
C ILE A 263 8.30 26.11 5.93
N LYS A 264 7.16 25.67 5.44
CA LYS A 264 6.50 26.31 4.31
C LYS A 264 6.08 27.76 4.62
N GLU A 265 5.47 27.95 5.78
CA GLU A 265 5.04 29.26 6.21
C GLU A 265 6.18 30.23 6.12
N ASP A 266 7.29 29.88 6.77
CA ASP A 266 8.45 30.76 6.94
C ASP A 266 9.35 30.81 5.71
N TYR A 267 9.33 29.75 4.91
CA TYR A 267 10.16 29.67 3.72
C TYR A 267 9.35 28.98 2.64
N PRO A 268 8.42 29.71 2.01
CA PRO A 268 7.49 29.10 1.08
C PRO A 268 8.08 28.69 -0.26
N ASP A 269 9.25 29.22 -0.65
CA ASP A 269 9.92 28.76 -1.87
C ASP A 269 10.74 27.49 -1.64
N ALA A 270 10.71 26.97 -0.42
CA ALA A 270 11.50 25.80 -0.06
C ALA A 270 10.92 24.45 -0.52
N LEU A 271 11.74 23.70 -1.25
CA LEU A 271 11.39 22.33 -1.69
C LEU A 271 11.50 21.36 -0.52
N LEU A 272 10.44 20.61 -0.28
CA LEU A 272 10.46 19.56 0.71
C LEU A 272 10.27 18.27 -0.06
N LEU A 273 11.33 17.49 -0.18
CA LEU A 273 11.40 16.35 -1.07
C LEU A 273 11.66 15.11 -0.22
N GLY A 274 10.75 14.14 -0.26
CA GLY A 274 10.80 12.96 0.61
C GLY A 274 11.53 11.74 0.05
N GLU A 275 12.06 10.91 0.95
CA GLU A 275 12.56 9.58 0.59
C GLU A 275 11.55 8.59 1.12
N ALA A 276 10.73 8.05 0.21
CA ALA A 276 9.79 6.98 0.51
C ALA A 276 10.25 5.71 -0.20
N ALA A 277 11.44 5.24 0.16
CA ALA A 277 12.05 4.09 -0.51
C ALA A 277 11.13 2.88 -0.38
N SER A 278 10.65 2.39 -1.53
CA SER A 278 9.74 1.25 -1.60
C SER A 278 8.41 1.44 -0.82
N ALA A 279 7.89 2.65 -0.86
CA ALA A 279 6.58 2.91 -0.29
C ALA A 279 5.53 2.55 -1.31
N SER A 280 4.31 2.24 -0.86
CA SER A 280 3.13 2.17 -1.75
C SER A 280 2.96 3.45 -2.60
N VAL A 281 2.42 3.31 -3.80
CA VAL A 281 2.14 4.48 -4.67
C VAL A 281 1.00 5.30 -4.10
N ASN A 282 0.08 4.61 -3.44
CA ASN A 282 -0.97 5.25 -2.65
C ASN A 282 -0.40 6.08 -1.48
N LEU A 283 0.68 5.60 -0.90
CA LEU A 283 1.43 6.35 0.12
C LEU A 283 2.14 7.57 -0.46
N ALA A 284 2.75 7.44 -1.64
CA ALA A 284 3.39 8.59 -2.30
C ALA A 284 2.41 9.78 -2.49
N VAL A 285 1.15 9.46 -2.82
CA VAL A 285 0.01 10.37 -2.79
C VAL A 285 -0.17 11.00 -1.41
N ASP A 286 -0.38 10.17 -0.39
CA ASP A 286 -0.57 10.66 0.99
C ASP A 286 0.52 11.64 1.37
N TYR A 287 1.78 11.31 1.06
CA TYR A 287 2.91 12.20 1.40
C TYR A 287 3.01 13.42 0.50
N THR A 288 2.52 13.37 -0.74
CA THR A 288 2.70 14.51 -1.69
C THR A 288 1.45 15.31 -2.01
N ASN A 289 0.29 14.84 -1.59
CA ASN A 289 -0.97 15.51 -1.89
C ASN A 289 -1.01 16.89 -1.23
N LYS A 290 -1.33 17.93 -1.99
CA LYS A 290 -1.36 19.29 -1.47
C LYS A 290 -2.29 19.43 -0.27
N ARG A 291 -3.33 18.61 -0.24
CA ARG A 291 -4.32 18.62 0.84
C ARG A 291 -3.73 18.27 2.19
N ASN A 292 -2.77 17.36 2.20
CA ASN A 292 -2.14 16.91 3.45
C ASN A 292 -0.97 17.75 3.96
N HIS A 293 -0.58 18.81 3.24
CA HIS A 293 0.38 19.79 3.74
C HIS A 293 1.73 19.20 4.11
N LEU A 294 2.11 18.12 3.45
CA LEU A 294 3.38 17.46 3.71
C LEU A 294 4.36 17.89 2.61
N MET A 295 4.65 16.97 1.68
CA MET A 295 5.85 17.03 0.85
C MET A 295 5.49 17.54 -0.49
N ASP A 296 6.49 18.03 -1.22
CA ASP A 296 6.27 18.42 -2.62
C ASP A 296 6.39 17.20 -3.54
N CYS A 297 7.52 16.49 -3.45
CA CYS A 297 7.79 15.31 -4.28
C CYS A 297 8.28 14.18 -3.43
N VAL A 298 8.46 13.02 -4.06
CA VAL A 298 9.04 11.90 -3.42
C VAL A 298 9.90 11.11 -4.41
N ILE A 299 11.10 10.76 -3.94
CA ILE A 299 11.92 9.74 -4.54
C ILE A 299 11.37 8.41 -4.12
N THR A 300 11.20 7.53 -5.08
CA THR A 300 10.77 6.16 -4.81
C THR A 300 11.86 5.24 -5.34
N PHE A 301 11.98 4.06 -4.71
CA PHE A 301 12.92 3.00 -5.10
C PHE A 301 12.21 1.87 -5.90
N ARG A 302 10.88 1.98 -6.07
CA ARG A 302 10.04 0.98 -6.78
C ARG A 302 10.17 0.95 -8.32
N TYR A 303 10.97 1.83 -8.92
CA TYR A 303 11.08 1.86 -10.38
C TYR A 303 11.74 0.63 -11.01
N PHE A 304 12.60 -0.09 -10.27
CA PHE A 304 13.52 -1.10 -10.85
C PHE A 304 13.24 -2.58 -10.45
N THR A 305 12.78 -3.39 -11.41
CA THR A 305 12.57 -4.85 -11.26
C THR A 305 11.43 -5.11 -10.29
N SER A 316 26.23 -18.85 -6.27
CA SER A 316 26.29 -17.41 -5.97
C SER A 316 24.87 -16.85 -5.76
N ALA A 317 24.74 -15.86 -4.86
CA ALA A 317 23.52 -15.03 -4.74
C ALA A 317 23.93 -13.63 -4.28
N GLN A 318 23.31 -12.60 -4.86
CA GLN A 318 23.34 -11.20 -4.34
C GLN A 318 24.32 -10.19 -4.98
N TYR A 319 25.37 -10.61 -5.69
CA TYR A 319 26.23 -9.63 -6.40
C TYR A 319 26.39 -9.97 -7.88
N GLN A 320 25.44 -10.75 -8.38
CA GLN A 320 25.46 -11.16 -9.77
C GLN A 320 24.90 -10.01 -10.60
N PRO A 321 25.54 -9.68 -11.75
CA PRO A 321 25.11 -8.48 -12.47
C PRO A 321 23.61 -8.46 -12.71
N LYS A 322 23.03 -7.26 -12.54
CA LYS A 322 21.58 -7.08 -12.52
C LYS A 322 21.03 -7.17 -13.95
N GLU A 323 19.91 -7.87 -14.12
CA GLU A 323 19.15 -7.85 -15.39
C GLU A 323 17.80 -7.24 -15.11
N LEU A 324 17.56 -6.02 -15.60
CA LEU A 324 16.28 -5.34 -15.34
C LEU A 324 15.09 -6.01 -16.03
N ASP A 325 14.07 -6.41 -15.23
CA ASP A 325 12.82 -6.97 -15.76
C ASP A 325 12.09 -5.85 -16.50
N LEU A 326 12.23 -5.87 -17.81
CA LEU A 326 11.99 -4.68 -18.59
C LEU A 326 10.53 -4.33 -18.64
N THR A 327 9.66 -5.32 -18.66
CA THR A 327 8.21 -5.05 -18.72
C THR A 327 7.77 -4.50 -17.37
N ALA A 328 8.23 -5.12 -16.28
CA ALA A 328 7.97 -4.61 -14.93
C ALA A 328 8.31 -3.12 -14.79
N PHE A 329 9.42 -2.69 -15.39
CA PHE A 329 9.81 -1.27 -15.39
C PHE A 329 8.74 -0.39 -16.08
N LYS A 330 8.25 -0.88 -17.20
CA LYS A 330 7.22 -0.18 -17.94
C LYS A 330 5.94 -0.04 -17.10
N GLN A 331 5.53 -1.12 -16.41
CA GLN A 331 4.27 -1.06 -15.59
C GLN A 331 4.40 -0.01 -14.49
N ASN A 332 5.54 0.01 -13.79
CA ASN A 332 5.75 0.95 -12.68
C ASN A 332 5.94 2.36 -13.15
N GLN A 333 6.69 2.55 -14.23
CA GLN A 333 6.88 3.89 -14.79
C GLN A 333 5.55 4.52 -15.19
N VAL A 334 4.65 3.71 -15.76
CA VAL A 334 3.29 4.18 -16.13
C VAL A 334 2.37 4.39 -14.92
N VAL A 335 2.31 3.39 -14.01
CA VAL A 335 1.50 3.47 -12.78
C VAL A 335 1.77 4.79 -12.05
N TRP A 336 3.06 5.08 -11.87
CA TRP A 336 3.54 6.28 -11.17
C TRP A 336 3.20 7.59 -11.89
N GLN A 337 3.49 7.66 -13.18
CA GLN A 337 3.13 8.85 -13.96
C GLN A 337 1.62 9.08 -13.95
N GLN A 338 0.85 8.00 -13.94
CA GLN A 338 -0.60 8.05 -13.95
C GLN A 338 -1.17 8.40 -12.58
N THR A 339 -0.87 7.60 -11.58
CA THR A 339 -1.44 7.80 -10.23
C THR A 339 -1.10 9.18 -9.64
N LEU A 340 0.03 9.79 -10.04
CA LEU A 340 0.42 11.12 -9.59
C LEU A 340 0.11 12.23 -10.62
N ALA A 341 -0.78 12.01 -11.56
CA ALA A 341 -0.94 12.97 -12.67
C ALA A 341 -1.57 14.27 -12.20
N ASP A 342 -2.67 14.15 -11.46
CA ASP A 342 -3.37 15.30 -10.88
C ASP A 342 -2.65 15.94 -9.68
N ILE A 343 -1.80 15.18 -8.98
CA ILE A 343 -1.21 15.64 -7.71
C ILE A 343 0.28 15.37 -7.75
N SER A 344 1.11 16.39 -7.58
CA SER A 344 2.57 16.19 -7.48
C SER A 344 3.37 15.80 -8.80
N GLN A 345 4.64 16.20 -8.82
CA GLN A 345 5.57 15.75 -9.85
C GLN A 345 6.29 14.48 -9.41
N PRO A 346 6.35 13.48 -10.29
CA PRO A 346 7.25 12.38 -9.97
C PRO A 346 8.71 12.78 -10.11
N THR A 347 9.57 12.04 -9.44
CA THR A 347 11.02 12.22 -9.53
C THR A 347 11.54 11.23 -10.54
N LEU A 348 12.53 11.65 -11.30
CA LEU A 348 12.98 10.92 -12.48
C LEU A 348 14.47 10.73 -12.35
N TYR A 349 14.89 9.49 -12.09
CA TYR A 349 16.31 9.17 -11.85
C TYR A 349 16.66 7.74 -12.23
N TRP A 350 17.93 7.53 -12.52
CA TRP A 350 18.42 6.25 -12.98
C TRP A 350 19.30 5.57 -11.94
N ASN A 351 20.31 6.31 -11.50
CA ASN A 351 21.41 5.78 -10.69
C ASN A 351 21.72 6.80 -9.59
N ASN A 352 22.65 6.45 -8.72
CA ASN A 352 22.67 6.99 -7.37
C ASN A 352 24.02 6.78 -6.71
N HIS A 353 24.11 7.29 -5.47
CA HIS A 353 25.26 7.03 -4.61
C HIS A 353 25.11 5.68 -3.89
N ASP A 354 23.88 5.17 -3.82
CA ASP A 354 23.62 3.85 -3.24
C ASP A 354 23.37 2.75 -4.30
N MET A 355 23.72 2.99 -5.56
CA MET A 355 23.65 1.95 -6.60
C MET A 355 24.60 2.17 -7.76
N ALA A 356 24.88 1.07 -8.46
CA ALA A 356 25.77 1.05 -9.64
C ALA A 356 25.31 2.01 -10.70
N ARG A 357 26.28 2.63 -11.35
CA ARG A 357 26.02 3.67 -12.33
C ARG A 357 25.21 3.15 -13.53
N LEU A 358 24.82 4.07 -14.42
CA LEU A 358 23.90 3.74 -15.50
C LEU A 358 24.54 2.79 -16.49
N ALA A 359 25.56 3.26 -17.23
CA ALA A 359 26.44 2.32 -17.89
C ALA A 359 26.87 1.41 -16.74
N THR A 360 27.27 0.20 -17.05
CA THR A 360 27.54 -0.83 -16.01
C THR A 360 26.27 -1.58 -15.60
N ARG A 361 25.33 -0.91 -14.96
CA ARG A 361 24.18 -1.61 -14.33
C ARG A 361 23.14 -2.05 -15.34
N ILE A 362 22.99 -1.27 -16.42
CA ILE A 362 21.87 -1.40 -17.33
C ILE A 362 22.14 -0.95 -18.79
N ALA A 363 22.96 0.07 -19.02
CA ALA A 363 23.32 0.46 -20.40
C ALA A 363 24.27 -0.54 -21.05
N LYS A 364 24.10 -0.77 -22.35
CA LYS A 364 24.92 -1.71 -23.09
C LYS A 364 25.83 -1.02 -24.10
N THR A 365 25.72 0.30 -24.23
CA THR A 365 26.40 1.06 -25.28
C THR A 365 26.22 2.56 -25.04
N SER A 366 27.08 3.38 -25.65
CA SER A 366 26.96 4.86 -25.53
C SER A 366 25.61 5.32 -26.12
N THR A 367 25.19 4.63 -27.18
CA THR A 367 23.93 4.94 -27.78
C THR A 367 22.78 4.66 -26.79
N GLN A 368 22.78 3.52 -26.09
CA GLN A 368 21.70 3.24 -25.12
C GLN A 368 21.71 4.16 -23.89
N ALA A 369 22.91 4.54 -23.45
CA ALA A 369 23.07 5.47 -22.34
C ALA A 369 22.33 6.76 -22.64
N LYS A 370 22.55 7.31 -23.84
CA LYS A 370 21.82 8.49 -24.33
C LYS A 370 20.32 8.21 -24.39
N SER A 371 19.96 7.07 -24.99
CA SER A 371 18.56 6.74 -25.23
C SER A 371 17.79 6.63 -23.95
N LEU A 372 18.43 6.06 -22.92
CA LEU A 372 17.78 5.89 -21.63
C LEU A 372 17.53 7.23 -20.93
N ALA A 373 18.54 8.10 -20.92
CA ALA A 373 18.40 9.41 -20.29
C ALA A 373 17.20 10.13 -20.88
N MET A 374 17.17 10.18 -22.21
CA MET A 374 16.01 10.67 -22.95
C MET A 374 14.71 10.03 -22.44
N LEU A 375 14.71 8.70 -22.42
CA LEU A 375 13.55 7.91 -22.04
C LEU A 375 12.92 8.41 -20.77
N MET A 376 13.76 8.52 -19.74
CA MET A 376 13.31 8.81 -18.38
C MET A 376 12.98 10.28 -18.18
N TYR A 377 13.90 11.15 -18.56
CA TYR A 377 13.83 12.53 -18.13
C TYR A 377 12.84 13.38 -18.90
N LEU A 378 12.59 13.09 -20.18
CA LEU A 378 11.57 13.83 -20.95
C LEU A 378 10.12 13.48 -20.64
N GLN A 379 9.89 12.69 -19.60
CA GLN A 379 8.57 12.42 -19.07
C GLN A 379 8.18 13.57 -18.16
N ARG A 380 7.07 13.44 -17.43
CA ARG A 380 6.60 14.51 -16.51
C ARG A 380 7.28 14.27 -15.21
N GLY A 381 7.89 15.34 -14.69
CA GLY A 381 8.58 15.25 -13.44
C GLY A 381 9.78 16.15 -13.34
N ILE A 382 10.61 15.81 -12.35
CA ILE A 382 11.84 16.50 -12.04
C ILE A 382 12.93 15.48 -12.22
N PRO A 383 13.86 15.74 -13.12
CA PRO A 383 15.01 14.88 -13.20
C PRO A 383 15.99 15.09 -12.03
N ILE A 384 16.49 13.97 -11.50
CA ILE A 384 17.62 13.94 -10.57
C ILE A 384 18.66 13.08 -11.26
N ILE A 385 19.69 13.73 -11.80
CA ILE A 385 20.76 13.01 -12.48
C ILE A 385 22.04 12.98 -11.63
N TYR A 386 22.61 11.80 -11.44
CA TYR A 386 23.75 11.59 -10.55
C TYR A 386 25.02 12.18 -11.14
N TYR A 387 25.88 12.74 -10.30
CA TYR A 387 27.11 13.38 -10.81
C TYR A 387 27.87 12.35 -11.62
N GLY A 388 28.43 12.76 -12.77
CA GLY A 388 29.17 11.85 -13.66
C GLY A 388 28.33 10.95 -14.57
N GLU A 389 27.02 10.88 -14.35
CA GLU A 389 26.13 10.13 -15.21
C GLU A 389 26.16 10.75 -16.59
N GLU A 390 26.10 12.10 -16.64
CA GLU A 390 26.17 12.91 -17.88
C GLU A 390 27.38 12.66 -18.78
N LEU A 391 28.52 12.33 -18.17
CA LEU A 391 29.73 11.93 -18.91
C LEU A 391 29.70 10.49 -19.41
N GLY A 392 28.72 9.73 -18.89
CA GLY A 392 28.60 8.32 -19.14
C GLY A 392 29.66 7.56 -18.38
N LEU A 393 29.72 7.75 -17.07
CA LEU A 393 30.72 7.04 -16.27
C LEU A 393 30.19 5.68 -15.91
N LYS A 394 31.14 4.81 -15.59
CA LYS A 394 30.89 3.43 -15.16
C LYS A 394 31.43 3.26 -13.74
N ASN A 395 31.09 2.13 -13.13
CA ASN A 395 31.67 1.78 -11.82
C ASN A 395 33.17 1.65 -11.95
N LEU A 396 33.89 2.01 -10.88
CA LEU A 396 35.33 2.15 -10.97
C LEU A 396 36.04 0.86 -11.29
N HIS A 397 35.66 -0.24 -10.60
CA HIS A 397 36.30 -1.56 -10.79
C HIS A 397 37.65 -1.63 -10.06
N PHE A 398 37.77 -2.52 -9.05
CA PHE A 398 39.02 -2.64 -8.27
C PHE A 398 39.11 -3.93 -7.43
N THR A 399 40.33 -4.17 -6.92
CA THR A 399 40.70 -5.36 -6.13
C THR A 399 40.92 -4.96 -4.67
N SER A 400 40.73 -5.93 -3.77
CA SER A 400 40.84 -5.79 -2.31
C SER A 400 39.51 -5.40 -1.65
N VAL A 401 38.99 -6.30 -0.80
CA VAL A 401 37.79 -6.05 0.05
C VAL A 401 37.78 -4.69 0.79
N ASP A 402 38.93 -4.29 1.33
CA ASP A 402 39.01 -3.06 2.13
C ASP A 402 38.34 -1.89 1.45
N GLN A 403 38.77 -1.61 0.21
CA GLN A 403 38.25 -0.48 -0.58
C GLN A 403 36.72 -0.37 -0.50
N PHE A 404 36.02 -1.52 -0.50
CA PHE A 404 34.54 -1.56 -0.49
C PHE A 404 33.85 -0.96 0.74
N GLU A 405 34.55 -0.92 1.89
CA GLU A 405 33.94 -0.51 3.17
C GLU A 405 32.70 -1.38 3.49
N ASP A 406 32.77 -2.65 3.09
CA ASP A 406 31.64 -3.58 3.19
C ASP A 406 32.10 -4.98 3.58
N GLN A 407 31.22 -5.64 4.32
CA GLN A 407 31.49 -6.88 5.02
C GLN A 407 31.30 -8.06 4.06
N THR A 408 30.12 -8.11 3.43
CA THR A 408 29.65 -9.28 2.63
C THR A 408 30.46 -9.58 1.37
N VAL A 409 31.31 -8.65 0.95
CA VAL A 409 32.11 -8.82 -0.26
C VAL A 409 33.10 -9.98 -0.15
N ALA A 410 33.83 -10.03 0.97
CA ALA A 410 34.76 -11.13 1.21
C ALA A 410 34.09 -12.51 1.12
N PRO A 411 33.04 -12.78 1.93
CA PRO A 411 32.38 -14.09 1.85
C PRO A 411 31.69 -14.38 0.54
N TRP A 412 31.23 -13.33 -0.16
CA TRP A 412 30.61 -13.51 -1.47
C TRP A 412 31.62 -13.91 -2.56
N ILE A 413 32.79 -13.28 -2.57
CA ILE A 413 33.81 -13.61 -3.57
C ILE A 413 34.23 -15.09 -3.45
N LYS A 414 34.29 -15.61 -2.22
CA LYS A 414 34.57 -17.04 -1.97
C LYS A 414 33.66 -18.01 -2.72
N GLU A 415 32.38 -17.65 -2.88
CA GLU A 415 31.39 -18.52 -3.55
C GLU A 415 31.68 -18.65 -5.06
N ALA A 416 31.88 -17.52 -5.72
CA ALA A 416 32.26 -17.48 -7.13
C ALA A 416 33.59 -18.19 -7.42
N GLN A 417 34.57 -18.00 -6.52
CA GLN A 417 35.87 -18.66 -6.63
C GLN A 417 35.65 -20.17 -6.61
N LYS A 418 34.90 -20.67 -5.63
CA LYS A 418 34.46 -22.06 -5.63
C LYS A 418 33.77 -22.40 -6.94
N ALA A 419 32.93 -21.49 -7.42
CA ALA A 419 32.36 -21.62 -8.77
C ALA A 419 33.43 -21.73 -9.87
N GLY A 420 34.66 -21.29 -9.58
CA GLY A 420 35.77 -21.35 -10.53
C GLY A 420 35.75 -20.18 -11.48
N ILE A 421 35.01 -19.12 -11.10
CA ILE A 421 35.03 -17.87 -11.84
C ILE A 421 36.36 -17.29 -11.39
N SER A 422 37.11 -16.71 -12.32
CA SER A 422 38.44 -16.18 -12.03
C SER A 422 38.43 -15.15 -10.88
N ARG A 423 39.58 -14.97 -10.27
CA ARG A 423 39.79 -13.86 -9.33
C ARG A 423 39.44 -12.51 -9.97
N ASP A 424 40.01 -12.30 -11.16
CA ASP A 424 39.69 -11.16 -12.03
C ASP A 424 38.18 -10.99 -12.14
N ALA A 425 37.54 -12.01 -12.69
CA ALA A 425 36.11 -12.00 -12.99
C ALA A 425 35.25 -11.84 -11.73
N ALA A 426 35.62 -12.48 -10.62
CA ALA A 426 34.86 -12.37 -9.35
C ALA A 426 34.82 -10.93 -8.82
N PHE A 427 36.00 -10.29 -8.76
CA PHE A 427 36.10 -8.88 -8.37
C PHE A 427 35.28 -8.00 -9.26
N ALA A 428 35.38 -8.20 -10.57
CA ALA A 428 34.59 -7.47 -11.57
C ALA A 428 33.12 -7.48 -11.21
N MET A 429 32.54 -8.67 -11.09
CA MET A 429 31.10 -8.86 -10.81
C MET A 429 30.64 -8.04 -9.62
N VAL A 430 31.41 -8.06 -8.54
CA VAL A 430 31.09 -7.30 -7.32
C VAL A 430 31.33 -5.81 -7.54
N SER A 431 32.42 -5.44 -8.22
CA SER A 431 32.70 -4.03 -8.56
C SER A 431 31.63 -3.43 -9.48
N ASP A 432 31.03 -4.25 -10.34
CA ASP A 432 29.94 -3.82 -11.25
C ASP A 432 28.55 -3.79 -10.61
N THR A 433 28.41 -4.28 -9.38
CA THR A 433 27.11 -4.26 -8.68
C THR A 433 27.05 -3.43 -7.40
N HIS A 434 28.21 -3.12 -6.79
CA HIS A 434 28.21 -2.52 -5.45
C HIS A 434 28.11 -0.99 -5.49
N LYS A 435 27.48 -0.46 -4.43
CA LYS A 435 27.31 0.98 -4.27
C LYS A 435 28.60 1.74 -4.35
N LEU A 436 29.65 1.28 -3.68
CA LEU A 436 30.84 2.10 -3.50
C LEU A 436 31.65 2.42 -4.78
N PRO A 437 31.82 1.44 -5.69
CA PRO A 437 32.45 1.74 -6.99
C PRO A 437 31.74 2.81 -7.81
N ALA A 438 30.49 3.15 -7.44
CA ALA A 438 29.76 4.26 -8.05
C ALA A 438 30.04 5.63 -7.43
N ARG A 439 31.04 5.75 -6.55
CA ARG A 439 31.46 7.08 -6.07
C ARG A 439 32.81 7.45 -6.62
N GLY A 440 33.11 7.08 -7.87
CA GLY A 440 34.39 7.45 -8.48
C GLY A 440 34.61 8.96 -8.49
N PRO A 441 35.85 9.42 -8.27
CA PRO A 441 36.09 10.84 -8.44
C PRO A 441 35.75 11.30 -9.85
N MET A 442 35.30 12.55 -10.00
CA MET A 442 35.04 13.11 -11.33
C MET A 442 36.33 13.09 -12.09
N PRO A 443 36.32 12.55 -13.28
CA PRO A 443 37.47 12.73 -14.12
C PRO A 443 37.26 14.01 -14.92
N TRP A 444 38.07 15.02 -14.64
CA TRP A 444 37.91 16.34 -15.24
C TRP A 444 38.82 16.60 -16.47
N ASN A 445 39.98 15.93 -16.54
CA ASN A 445 41.06 16.30 -17.47
C ASN A 445 42.17 15.25 -17.57
N ASP A 446 43.23 15.58 -18.31
CA ASP A 446 44.37 14.68 -18.51
C ASP A 446 45.57 14.85 -17.52
N THR A 447 45.39 15.64 -16.44
CA THR A 447 46.43 15.76 -15.38
C THR A 447 46.28 14.62 -14.35
N GLU A 448 47.20 14.54 -13.40
CA GLU A 448 47.31 13.38 -12.51
C GLU A 448 46.05 13.26 -11.65
N ASN A 449 45.54 12.02 -11.58
CA ASN A 449 44.25 11.67 -10.99
C ASN A 449 43.05 12.36 -11.66
N ASN A 450 43.23 12.63 -12.95
CA ASN A 450 42.28 13.38 -13.77
C ASN A 450 41.95 14.75 -13.19
N GLY A 451 42.95 15.39 -12.59
CA GLY A 451 42.84 16.72 -11.96
C GLY A 451 41.84 16.84 -10.81
N PHE A 452 41.40 15.69 -10.29
CA PHE A 452 40.45 15.65 -9.19
C PHE A 452 41.13 16.12 -7.91
N THR A 453 42.42 15.82 -7.77
CA THR A 453 43.21 16.07 -6.57
C THR A 453 44.67 16.34 -6.97
N SER A 454 45.57 16.14 -6.01
CA SER A 454 46.99 15.87 -6.28
C SER A 454 47.50 14.63 -5.52
N ALA A 455 47.02 14.41 -4.29
CA ALA A 455 47.40 13.25 -3.45
C ALA A 455 46.73 11.96 -3.88
N LYS A 456 46.92 10.91 -3.08
CA LYS A 456 46.10 9.70 -3.24
C LYS A 456 44.63 10.12 -3.14
N PRO A 457 43.81 9.84 -4.20
CA PRO A 457 42.37 10.07 -4.06
C PRO A 457 41.77 9.10 -3.07
N TRP A 458 40.76 9.55 -2.31
CA TRP A 458 40.23 8.77 -1.18
C TRP A 458 39.80 7.35 -1.61
N LEU A 459 39.37 7.20 -2.86
CA LEU A 459 39.12 5.92 -3.48
C LEU A 459 39.75 5.94 -4.86
N ASN A 460 40.51 4.91 -5.23
CA ASN A 460 40.78 4.73 -6.64
C ASN A 460 41.10 3.31 -7.04
N GLY A 461 40.76 3.03 -8.29
CA GLY A 461 40.97 1.74 -8.94
C GLY A 461 41.11 1.93 -10.43
N ILE A 462 40.58 0.97 -11.21
CA ILE A 462 40.88 0.86 -12.65
C ILE A 462 40.38 2.07 -13.48
N SER A 463 39.20 2.60 -13.15
CA SER A 463 38.53 3.65 -13.94
C SER A 463 38.29 3.16 -15.36
N GLN A 464 37.76 1.94 -15.47
CA GLN A 464 37.50 1.34 -16.77
C GLN A 464 36.20 1.89 -17.36
N ASP A 465 36.22 2.66 -18.45
CA ASP A 465 37.41 3.18 -19.20
C ASP A 465 37.38 4.74 -19.31
N ASP A 466 38.50 5.30 -19.76
CA ASP A 466 38.83 6.73 -19.52
C ASP A 466 37.99 7.77 -20.26
N VAL A 467 37.20 8.50 -19.48
CA VAL A 467 36.38 9.62 -19.93
C VAL A 467 36.84 10.83 -19.12
N THR A 468 36.79 12.02 -19.72
CA THR A 468 37.11 13.29 -19.01
C THR A 468 36.21 14.44 -19.51
N VAL A 469 35.96 15.47 -18.69
CA VAL A 469 35.09 16.58 -19.15
C VAL A 469 35.76 17.34 -20.29
N ALA A 470 37.08 17.45 -20.27
CA ALA A 470 37.79 18.11 -21.36
C ALA A 470 37.44 17.48 -22.72
N ASN A 471 37.45 16.14 -22.76
CA ASN A 471 37.14 15.41 -23.98
C ASN A 471 35.68 15.55 -24.47
N GLU A 472 34.73 15.80 -23.56
CA GLU A 472 33.28 15.77 -23.86
C GLU A 472 32.59 17.13 -24.02
N VAL A 473 33.16 18.16 -23.41
CA VAL A 473 32.67 19.55 -23.59
C VAL A 473 33.01 20.07 -25.01
N ASN A 474 34.12 19.65 -25.60
CA ASN A 474 34.49 20.04 -26.98
C ASN A 474 33.76 19.18 -27.98
N SER A 475 33.95 17.87 -27.87
CA SER A 475 33.34 16.89 -28.78
C SER A 475 31.80 16.92 -28.70
N ASP A 476 31.12 17.43 -29.74
CA ASP A 476 29.63 17.48 -29.73
C ASP A 476 28.95 16.12 -30.04
N ASN A 477 29.74 15.09 -30.36
CA ASN A 477 29.27 13.69 -30.35
C ASN A 477 29.07 13.09 -28.95
N SER A 478 29.62 13.71 -27.91
CA SER A 478 29.73 13.10 -26.58
C SER A 478 28.43 13.01 -25.83
N MET A 479 28.44 12.14 -24.82
CA MET A 479 27.33 12.00 -23.86
C MET A 479 26.94 13.32 -23.24
N PHE A 480 27.95 14.00 -22.73
CA PHE A 480 27.75 15.29 -22.11
C PHE A 480 26.90 16.22 -22.98
N THR A 481 27.30 16.39 -24.23
CA THR A 481 26.59 17.32 -25.12
C THR A 481 25.15 16.86 -25.34
N PHE A 482 24.95 15.54 -25.36
CA PHE A 482 23.63 14.99 -25.43
C PHE A 482 22.83 15.39 -24.20
N TYR A 483 23.36 15.17 -22.99
CA TYR A 483 22.59 15.60 -21.81
C TYR A 483 22.36 17.09 -21.87
N LYS A 484 23.36 17.86 -22.28
CA LYS A 484 23.19 19.32 -22.35
C LYS A 484 22.01 19.71 -23.24
N ASN A 485 21.98 19.15 -24.43
CA ASN A 485 20.91 19.43 -25.38
C ASN A 485 19.58 18.87 -24.85
N MET A 486 19.63 17.64 -24.34
CA MET A 486 18.49 17.01 -23.70
C MET A 486 17.88 17.83 -22.59
N LEU A 487 18.73 18.47 -21.79
CA LEU A 487 18.26 19.26 -20.65
C LEU A 487 17.65 20.58 -21.09
N ASN A 488 18.19 21.18 -22.15
CA ASN A 488 17.58 22.39 -22.69
C ASN A 488 16.21 22.14 -23.31
N LEU A 489 16.03 20.96 -23.90
CA LEU A 489 14.72 20.54 -24.36
C LEU A 489 13.76 20.34 -23.18
N LYS A 490 14.22 19.73 -22.11
CA LYS A 490 13.37 19.45 -20.96
C LYS A 490 12.77 20.74 -20.37
N LYS A 491 13.53 21.83 -20.44
CA LYS A 491 13.07 23.14 -19.94
C LYS A 491 11.83 23.65 -20.65
N GLU A 492 11.64 23.23 -21.91
CA GLU A 492 10.53 23.70 -22.74
C GLU A 492 9.20 23.40 -22.07
N LYS A 493 8.26 24.33 -22.25
CA LYS A 493 6.92 24.29 -21.63
C LYS A 493 6.18 23.02 -21.91
N LEU A 494 6.46 22.43 -23.07
CA LEU A 494 5.91 21.13 -23.44
C LEU A 494 6.34 20.05 -22.45
N PHE A 495 7.64 19.94 -22.23
CA PHE A 495 8.23 18.86 -21.41
C PHE A 495 8.28 19.14 -19.92
N GLN A 496 8.05 20.39 -19.51
CA GLN A 496 7.98 20.70 -18.09
C GLN A 496 6.55 20.52 -17.58
N ASP A 497 5.59 21.15 -18.26
CA ASP A 497 4.21 21.21 -17.78
C ASP A 497 3.21 20.30 -18.51
N GLY A 498 3.59 19.74 -19.67
CA GLY A 498 2.66 18.96 -20.48
C GLY A 498 2.22 17.66 -19.83
N THR A 499 1.07 17.14 -20.24
CA THR A 499 0.57 15.84 -19.78
C THR A 499 1.36 14.75 -20.44
N TYR A 500 1.26 13.57 -19.86
CA TYR A 500 2.04 12.43 -20.29
C TYR A 500 1.05 11.34 -20.54
N TYR A 501 1.29 10.61 -21.62
CA TYR A 501 0.50 9.45 -21.96
C TYR A 501 1.45 8.45 -22.65
N MET A 502 1.58 7.27 -22.07
CA MET A 502 2.44 6.22 -22.62
C MET A 502 1.74 5.55 -23.80
N ILE A 503 2.43 5.44 -24.94
CA ILE A 503 1.86 4.88 -26.18
C ILE A 503 1.79 3.37 -26.06
N SER A 504 0.77 2.79 -26.70
CA SER A 504 0.62 1.33 -26.82
C SER A 504 1.95 0.71 -27.20
N THR A 505 2.18 -0.48 -26.65
CA THR A 505 3.54 -0.93 -26.36
C THR A 505 4.23 -1.80 -27.40
N GLY A 506 5.32 -1.30 -27.96
CA GLY A 506 6.37 -2.19 -28.43
C GLY A 506 7.03 -2.72 -27.16
N LYS A 507 7.05 -4.04 -26.95
CA LYS A 507 7.60 -4.63 -25.70
C LYS A 507 9.13 -4.58 -25.85
N ASP A 508 9.57 -4.62 -27.09
CA ASP A 508 10.83 -4.06 -27.54
C ASP A 508 11.16 -2.65 -27.08
N SER A 509 10.24 -1.69 -27.22
CA SER A 509 10.55 -0.27 -27.12
C SER A 509 9.64 0.57 -26.20
N TYR A 510 10.28 1.51 -25.51
CA TYR A 510 9.60 2.49 -24.67
C TYR A 510 9.24 3.70 -25.55
N VAL A 511 7.97 4.09 -25.51
CA VAL A 511 7.47 5.23 -26.31
C VAL A 511 6.29 5.91 -25.60
N TYR A 512 6.22 7.24 -25.69
CA TYR A 512 5.20 8.04 -24.99
C TYR A 512 4.99 9.39 -25.67
N GLN A 513 3.95 10.09 -25.24
CA GLN A 513 3.58 11.36 -25.82
C GLN A 513 3.41 12.41 -24.73
N ARG A 514 3.88 13.61 -25.03
CA ARG A 514 3.74 14.77 -24.16
C ARG A 514 2.94 15.79 -24.94
N ASP A 515 1.94 16.38 -24.29
CA ASP A 515 1.06 17.35 -24.95
C ASP A 515 0.61 18.51 -24.03
N LEU A 516 0.76 19.74 -24.55
CA LEU A 516 0.18 20.96 -23.95
C LEU A 516 -1.30 21.16 -24.37
N GLY A 517 -1.78 20.33 -25.31
CA GLY A 517 -3.14 20.46 -25.89
C GLY A 517 -3.05 21.19 -27.23
N ASN A 518 -2.43 22.37 -27.16
CA ASN A 518 -2.03 23.17 -28.30
C ASN A 518 -0.95 22.44 -29.15
N GLU A 519 0.11 21.96 -28.48
CA GLU A 519 1.23 21.31 -29.14
C GLU A 519 1.42 19.91 -28.56
N SER A 520 2.20 19.09 -29.26
CA SER A 520 2.30 17.67 -28.99
C SER A 520 3.58 17.09 -29.57
N ALA A 521 4.17 16.10 -28.86
CA ALA A 521 5.40 15.42 -29.29
C ALA A 521 5.47 13.99 -28.81
N ILE A 522 6.25 13.20 -29.53
CA ILE A 522 6.42 11.80 -29.24
C ILE A 522 7.89 11.47 -29.02
N VAL A 523 8.17 10.88 -27.85
CA VAL A 523 9.46 10.28 -27.53
C VAL A 523 9.33 8.81 -27.82
N ALA A 524 10.34 8.26 -28.50
CA ALA A 524 10.36 6.86 -28.83
C ALA A 524 11.77 6.33 -28.73
N VAL A 525 11.95 5.23 -27.96
CA VAL A 525 13.27 4.69 -27.63
C VAL A 525 13.30 3.18 -27.82
N SER A 526 14.27 2.73 -28.61
CA SER A 526 14.52 1.31 -28.83
C SER A 526 15.24 0.74 -27.64
N LEU A 527 14.75 -0.40 -27.16
CA LEU A 527 15.44 -1.17 -26.12
C LEU A 527 15.94 -2.48 -26.67
N SER A 528 15.96 -2.64 -27.99
CA SER A 528 16.44 -3.86 -28.63
C SER A 528 17.80 -3.61 -29.25
N ASN A 529 18.62 -4.66 -29.27
CA ASN A 529 19.93 -4.64 -29.93
C ASN A 529 19.83 -4.84 -31.44
N LYS A 530 18.65 -5.27 -31.92
CA LYS A 530 18.36 -5.31 -33.36
C LYS A 530 17.55 -4.09 -33.71
N LYS A 531 17.75 -3.56 -34.91
CA LYS A 531 16.96 -2.40 -35.34
C LYS A 531 15.47 -2.78 -35.47
N ILE A 532 14.60 -1.86 -35.08
CA ILE A 532 13.14 -2.11 -35.02
C ILE A 532 12.28 -0.94 -35.45
N SER A 533 11.01 -1.28 -35.73
CA SER A 533 10.09 -0.42 -36.45
C SER A 533 8.85 -0.09 -35.63
N ILE A 534 8.30 1.09 -35.91
CA ILE A 534 7.31 1.74 -35.07
C ILE A 534 6.21 2.31 -35.96
N ASP A 535 4.94 2.02 -35.63
CA ASP A 535 3.79 2.61 -36.33
C ASP A 535 3.29 3.83 -35.55
N LEU A 536 3.20 4.98 -36.24
CA LEU A 536 2.82 6.27 -35.62
C LEU A 536 2.34 7.32 -36.65
N PRO A 537 1.59 8.36 -36.22
CA PRO A 537 1.09 9.42 -37.13
C PRO A 537 2.13 10.13 -38.01
N GLU A 538 1.62 10.89 -38.97
CA GLU A 538 2.41 11.43 -40.10
C GLU A 538 3.03 10.26 -40.87
N GLU A 543 6.62 16.24 -38.74
CA GLU A 543 7.20 15.40 -37.70
C GLU A 543 8.67 15.79 -37.41
N LEU A 544 8.88 16.81 -36.57
CA LEU A 544 10.20 17.52 -36.38
C LEU A 544 11.12 16.94 -35.27
N LEU A 545 12.41 16.73 -35.56
CA LEU A 545 13.38 16.16 -34.58
C LEU A 545 14.29 17.20 -33.92
N LYS A 546 14.75 16.87 -32.70
CA LYS A 546 15.69 17.71 -31.89
C LYS A 546 16.77 16.89 -31.19
N ALA A 547 16.38 15.89 -30.40
CA ALA A 547 17.32 14.96 -29.79
C ALA A 547 17.16 13.63 -30.52
N GLY A 548 18.26 12.98 -30.89
CA GLY A 548 18.18 11.77 -31.67
C GLY A 548 19.52 11.30 -32.20
N GLU A 549 19.66 9.99 -32.49
CA GLU A 549 20.95 9.34 -32.89
C GLU A 549 20.85 8.21 -33.96
N TYR A 550 20.43 8.59 -35.17
CA TYR A 550 20.28 7.68 -36.35
C TYR A 550 18.88 6.92 -36.51
N GLN A 551 18.03 7.36 -37.48
CA GLN A 551 16.67 6.76 -37.74
C GLN A 551 16.05 7.00 -39.17
N LEU A 552 14.86 6.43 -39.46
CA LEU A 552 14.16 6.51 -40.78
C LEU A 552 12.88 7.38 -40.73
N THR A 553 12.49 7.95 -41.87
CA THR A 553 11.63 9.17 -41.94
C THR A 553 10.20 9.07 -42.57
N ASN A 554 9.72 7.87 -42.90
CA ASN A 554 8.62 7.70 -43.89
C ASN A 554 7.18 8.08 -43.45
N GLY A 555 6.86 7.78 -42.19
CA GLY A 555 5.49 7.76 -41.71
C GLY A 555 5.39 6.62 -40.73
N LYS A 556 5.93 5.47 -41.14
CA LYS A 556 6.39 4.41 -40.24
C LYS A 556 7.84 4.73 -39.88
N LEU A 557 8.26 4.35 -38.67
CA LEU A 557 9.59 4.70 -38.15
C LEU A 557 10.45 3.49 -37.82
N THR A 558 11.72 3.52 -38.23
CA THR A 558 12.70 2.47 -37.98
C THR A 558 13.88 3.06 -37.23
N LEU A 559 14.24 2.43 -36.12
CA LEU A 559 15.28 2.91 -35.21
C LEU A 559 16.50 1.99 -35.23
N MET A 560 17.68 2.58 -35.39
CA MET A 560 18.92 1.82 -35.21
C MET A 560 18.98 1.21 -33.81
N PRO A 561 19.78 0.16 -33.63
CA PRO A 561 19.77 -0.61 -32.37
C PRO A 561 20.04 0.22 -31.10
N TYR A 562 19.10 0.17 -30.14
CA TYR A 562 19.10 0.97 -28.89
C TYR A 562 18.96 2.48 -29.05
N ALA A 563 18.57 2.95 -30.22
CA ALA A 563 18.55 4.39 -30.48
C ALA A 563 17.21 4.95 -30.04
N GLY A 564 17.04 6.26 -30.20
CA GLY A 564 15.80 6.93 -29.81
C GLY A 564 15.71 8.33 -30.33
N VAL A 565 14.47 8.83 -30.42
CA VAL A 565 14.21 10.13 -31.03
C VAL A 565 12.94 10.81 -30.47
N VAL A 566 13.01 12.14 -30.49
CA VAL A 566 11.94 12.99 -30.04
C VAL A 566 11.38 13.68 -31.27
N LEU A 567 10.08 13.49 -31.48
CA LEU A 567 9.38 13.94 -32.68
C LEU A 567 8.18 14.82 -32.32
N LYS A 568 8.31 16.12 -32.59
CA LYS A 568 7.22 17.07 -32.45
C LYS A 568 6.26 16.90 -33.61
N LYS A 569 4.97 16.84 -33.32
CA LYS A 569 3.98 16.56 -34.36
C LYS A 569 3.61 17.87 -35.13
N GLU A 570 3.32 17.72 -36.44
CA GLU A 570 3.14 18.82 -37.47
C GLU A 570 4.04 20.05 -37.30
N SER B 22 -20.12 11.07 20.88
CA SER B 22 -20.08 9.60 20.56
C SER B 22 -21.41 9.14 19.94
N HIS B 23 -21.30 8.18 19.01
CA HIS B 23 -22.41 7.70 18.16
C HIS B 23 -22.67 6.23 18.41
N TRP B 24 -23.90 5.79 18.08
CA TRP B 24 -24.35 4.42 18.38
C TRP B 24 -23.38 3.34 17.87
N TYR B 25 -22.78 3.59 16.71
CA TYR B 25 -21.94 2.60 16.04
C TYR B 25 -20.56 2.39 16.70
N ASP B 26 -20.15 3.28 17.60
CA ASP B 26 -18.90 3.10 18.35
C ASP B 26 -18.91 1.83 19.21
N HIS B 27 -20.11 1.48 19.69
CA HIS B 27 -20.37 0.29 20.50
C HIS B 27 -21.29 -0.62 19.71
N ALA B 28 -20.93 -0.87 18.45
CA ALA B 28 -21.79 -1.65 17.54
C ALA B 28 -21.49 -3.11 17.61
N ILE B 29 -22.49 -3.93 17.25
CA ILE B 29 -22.41 -5.39 17.16
C ILE B 29 -23.35 -5.84 16.04
N ILE B 30 -22.78 -6.30 14.93
CA ILE B 30 -23.52 -6.40 13.69
C ILE B 30 -23.81 -7.84 13.27
N TYR B 31 -25.08 -8.09 12.90
CA TYR B 31 -25.56 -9.41 12.48
C TYR B 31 -25.94 -9.39 11.03
N GLN B 32 -25.15 -10.04 10.18
CA GLN B 32 -25.38 -10.04 8.73
C GLN B 32 -26.41 -11.09 8.29
N ILE B 33 -27.43 -10.65 7.55
CA ILE B 33 -28.49 -11.52 7.03
C ILE B 33 -28.50 -11.55 5.48
N TYR B 34 -28.51 -12.76 4.92
CA TYR B 34 -28.76 -12.99 3.53
C TYR B 34 -30.21 -13.40 3.51
N PRO B 35 -31.09 -12.44 3.23
CA PRO B 35 -32.50 -12.55 3.63
C PRO B 35 -33.31 -13.65 2.91
N LYS B 36 -32.82 -14.08 1.73
CA LYS B 36 -33.30 -15.26 1.00
C LYS B 36 -33.21 -16.53 1.83
N SER B 37 -32.27 -16.58 2.77
CA SER B 37 -32.07 -17.78 3.57
C SER B 37 -32.43 -17.61 5.05
N PHE B 38 -33.04 -16.50 5.43
CA PHE B 38 -33.32 -16.25 6.83
C PHE B 38 -34.65 -16.81 7.25
N GLN B 39 -35.77 -16.31 6.70
CA GLN B 39 -37.10 -16.85 7.06
C GLN B 39 -38.12 -16.53 6.00
N ASP B 40 -38.72 -17.58 5.45
CA ASP B 40 -39.80 -17.45 4.46
C ASP B 40 -41.18 -17.36 5.16
N SER B 41 -41.96 -16.35 4.80
CA SER B 41 -43.24 -16.10 5.42
C SER B 41 -44.46 -16.13 4.44
N ASN B 42 -44.22 -16.47 3.18
CA ASN B 42 -45.29 -16.64 2.18
C ASN B 42 -45.14 -17.93 1.34
N ASP B 43 -44.41 -18.92 1.85
CA ASP B 43 -44.32 -20.26 1.26
C ASP B 43 -43.91 -20.31 -0.23
N ASP B 44 -42.96 -19.47 -0.62
CA ASP B 44 -42.36 -19.54 -1.96
C ASP B 44 -40.97 -20.18 -1.90
N GLY B 45 -40.54 -20.55 -0.71
CA GLY B 45 -39.21 -21.11 -0.49
C GLY B 45 -38.10 -20.09 -0.49
N ILE B 46 -38.44 -18.80 -0.53
CA ILE B 46 -37.47 -17.72 -0.59
C ILE B 46 -37.72 -16.81 0.60
N GLY B 47 -36.68 -16.59 1.38
CA GLY B 47 -36.78 -15.78 2.56
C GLY B 47 -37.15 -14.36 2.22
N ASP B 48 -37.87 -13.73 3.15
CA ASP B 48 -38.36 -12.39 2.92
C ASP B 48 -38.26 -11.56 4.18
N LEU B 49 -38.54 -10.27 4.01
CA LEU B 49 -38.43 -9.29 5.07
C LEU B 49 -39.43 -9.49 6.20
N ASN B 50 -40.63 -9.93 5.86
CA ASN B 50 -41.61 -10.25 6.89
C ASN B 50 -41.15 -11.43 7.76
N GLY B 51 -40.41 -12.35 7.15
CA GLY B 51 -39.77 -13.42 7.93
C GLY B 51 -38.85 -12.89 9.01
N ILE B 52 -38.00 -11.93 8.65
CA ILE B 52 -37.05 -11.32 9.58
C ILE B 52 -37.79 -10.59 10.70
N ARG B 53 -38.88 -9.91 10.38
CA ARG B 53 -39.73 -9.25 11.39
C ARG B 53 -40.25 -10.24 12.47
N LYS B 54 -40.64 -11.44 12.03
CA LYS B 54 -41.13 -12.51 12.93
C LYS B 54 -40.02 -13.13 13.80
N ARG B 55 -38.76 -12.88 13.49
CA ARG B 55 -37.61 -13.34 14.28
C ARG B 55 -36.78 -12.23 14.95
N ILE B 56 -37.39 -11.06 15.15
CA ILE B 56 -36.77 -10.00 15.96
C ILE B 56 -36.59 -10.44 17.42
N PRO B 57 -37.57 -11.17 18.01
CA PRO B 57 -37.37 -11.74 19.34
C PRO B 57 -36.08 -12.57 19.52
N TYR B 58 -35.81 -13.42 18.55
CA TYR B 58 -34.58 -14.18 18.52
C TYR B 58 -33.34 -13.28 18.52
N LEU B 59 -33.33 -12.25 17.66
CA LEU B 59 -32.17 -11.34 17.58
C LEU B 59 -31.90 -10.60 18.88
N GLN B 60 -32.96 -10.21 19.58
CA GLN B 60 -32.81 -9.51 20.86
C GLN B 60 -32.17 -10.40 21.87
N ASN B 61 -32.61 -11.66 21.88
CA ASN B 61 -32.09 -12.67 22.82
C ASN B 61 -30.61 -12.96 22.56
N LEU B 62 -30.22 -13.01 21.29
CA LEU B 62 -28.81 -13.13 20.95
C LEU B 62 -28.07 -11.90 21.47
N GLY B 63 -28.68 -10.72 21.31
CA GLY B 63 -28.15 -9.49 21.88
C GLY B 63 -27.51 -8.58 20.85
N VAL B 64 -27.49 -9.00 19.58
CA VAL B 64 -27.06 -8.12 18.51
C VAL B 64 -27.84 -6.80 18.56
N ASN B 65 -27.15 -5.71 18.27
CA ASN B 65 -27.78 -4.39 18.29
C ASN B 65 -27.99 -3.79 16.89
N ALA B 66 -27.62 -4.53 15.84
CA ALA B 66 -27.68 -4.05 14.45
C ALA B 66 -27.63 -5.17 13.42
N VAL B 67 -28.51 -5.04 12.41
CA VAL B 67 -28.62 -5.98 11.33
C VAL B 67 -28.11 -5.34 10.05
N TRP B 68 -27.15 -5.97 9.39
CA TRP B 68 -26.78 -5.61 8.01
C TRP B 68 -27.40 -6.64 7.09
N LEU B 69 -28.46 -6.28 6.34
CA LEU B 69 -29.00 -7.23 5.38
C LEU B 69 -28.42 -7.00 3.99
N ASN B 70 -28.27 -8.12 3.28
CA ASN B 70 -27.72 -8.11 1.94
C ASN B 70 -28.66 -7.31 1.05
N PRO B 71 -28.24 -7.02 -0.19
CA PRO B 71 -29.07 -6.22 -1.07
C PRO B 71 -30.48 -6.76 -1.25
N VAL B 72 -31.43 -5.83 -1.22
CA VAL B 72 -32.83 -6.15 -1.34
C VAL B 72 -33.53 -5.21 -2.34
N PHE B 73 -32.74 -4.53 -3.17
CA PHE B 73 -33.28 -3.61 -4.17
C PHE B 73 -33.79 -4.42 -5.36
N VAL B 74 -34.69 -3.84 -6.15
CA VAL B 74 -35.16 -4.54 -7.35
C VAL B 74 -33.94 -4.74 -8.25
N SER B 75 -33.82 -5.93 -8.81
CA SER B 75 -32.59 -6.31 -9.45
C SER B 75 -32.82 -7.59 -10.26
N PRO B 76 -32.13 -7.71 -11.44
CA PRO B 76 -32.14 -8.95 -12.20
C PRO B 76 -31.63 -10.22 -11.50
N GLN B 77 -30.98 -10.10 -10.34
CA GLN B 77 -30.38 -11.24 -9.62
C GLN B 77 -29.31 -11.91 -10.49
N VAL B 78 -28.63 -11.10 -11.33
CA VAL B 78 -27.56 -11.61 -12.17
C VAL B 78 -26.29 -11.83 -11.30
N ASP B 79 -26.14 -11.06 -10.21
CA ASP B 79 -24.99 -11.17 -9.29
C ASP B 79 -25.41 -10.88 -7.81
N ASN B 80 -26.23 -11.75 -7.23
CA ASN B 80 -26.85 -11.53 -5.89
C ASN B 80 -27.34 -10.10 -5.63
N GLY B 81 -27.99 -9.47 -6.60
CA GLY B 81 -28.61 -8.15 -6.38
C GLY B 81 -27.71 -6.92 -6.24
N TYR B 82 -26.41 -7.07 -6.47
CA TYR B 82 -25.45 -5.95 -6.51
C TYR B 82 -25.47 -5.25 -7.92
N ASP B 83 -25.96 -5.98 -8.92
CA ASP B 83 -26.43 -5.43 -10.20
C ASP B 83 -27.81 -4.79 -10.03
N VAL B 84 -27.84 -3.54 -9.61
CA VAL B 84 -29.08 -2.89 -9.20
C VAL B 84 -29.74 -2.22 -10.40
N SER B 85 -31.05 -2.48 -10.59
CA SER B 85 -31.86 -1.82 -11.63
C SER B 85 -32.85 -0.77 -11.09
N ASN B 86 -33.06 -0.71 -9.76
CA ASN B 86 -33.89 0.33 -9.14
C ASN B 86 -33.71 0.43 -7.61
N TYR B 87 -32.95 1.44 -7.18
CA TYR B 87 -32.70 1.67 -5.75
C TYR B 87 -33.93 2.13 -4.97
N PHE B 88 -34.97 2.60 -5.66
CA PHE B 88 -36.13 3.23 -5.01
C PHE B 88 -37.34 2.33 -4.79
N ALA B 89 -37.21 1.05 -5.11
CA ALA B 89 -38.19 0.04 -4.70
C ALA B 89 -37.43 -1.20 -4.23
N ILE B 90 -38.06 -2.37 -4.30
CA ILE B 90 -37.71 -3.47 -3.42
C ILE B 90 -38.11 -4.79 -4.06
N ASP B 91 -37.14 -5.69 -4.26
CA ASP B 91 -37.33 -6.91 -5.07
C ASP B 91 -38.60 -7.67 -4.66
N SER B 92 -39.37 -8.08 -5.66
CA SER B 92 -40.71 -8.62 -5.44
C SER B 92 -40.75 -9.85 -4.54
N HIS B 93 -39.73 -10.72 -4.64
CA HIS B 93 -39.65 -11.94 -3.80
C HIS B 93 -39.50 -11.65 -2.31
N MET B 94 -38.85 -10.52 -2.00
CA MET B 94 -38.49 -10.11 -0.64
C MET B 94 -39.63 -9.41 0.06
N GLY B 95 -40.39 -8.63 -0.70
CA GLY B 95 -41.63 -8.06 -0.20
C GLY B 95 -41.85 -6.71 -0.80
N THR B 96 -42.49 -5.86 -0.02
CA THR B 96 -42.92 -4.55 -0.46
C THR B 96 -42.26 -3.46 0.38
N MET B 97 -42.18 -2.26 -0.17
CA MET B 97 -41.64 -1.08 0.52
C MET B 97 -42.29 -0.90 1.88
N GLU B 98 -43.59 -1.19 1.94
CA GLU B 98 -44.35 -1.20 3.17
C GLU B 98 -43.70 -2.17 4.18
N ASP B 99 -43.37 -3.38 3.75
CA ASP B 99 -42.69 -4.37 4.59
C ASP B 99 -41.33 -3.84 5.09
N MET B 100 -40.56 -3.21 4.21
CA MET B 100 -39.24 -2.69 4.55
C MET B 100 -39.32 -1.52 5.52
N GLU B 101 -40.23 -0.59 5.27
CA GLU B 101 -40.51 0.49 6.24
C GLU B 101 -40.89 -0.08 7.62
N ASN B 102 -41.71 -1.13 7.64
CA ASN B 102 -42.13 -1.79 8.89
C ASN B 102 -41.01 -2.53 9.57
N LEU B 103 -40.16 -3.20 8.79
CA LEU B 103 -38.99 -3.88 9.37
C LEU B 103 -38.11 -2.87 10.09
N ILE B 104 -37.82 -1.74 9.44
CA ILE B 104 -36.99 -0.70 10.04
C ILE B 104 -37.72 0.00 11.21
N LYS B 105 -39.04 0.00 11.22
CA LYS B 105 -39.79 0.46 12.39
C LYS B 105 -39.68 -0.58 13.52
N ASP B 106 -39.94 -1.85 13.22
CA ASP B 106 -39.90 -2.91 14.22
C ASP B 106 -38.53 -3.05 14.84
N LEU B 107 -37.49 -3.06 14.01
CA LEU B 107 -36.12 -3.18 14.52
C LEU B 107 -35.76 -2.01 15.45
N HIS B 108 -36.09 -0.78 15.04
CA HIS B 108 -35.83 0.41 15.88
C HIS B 108 -36.57 0.29 17.26
N LYS B 109 -37.78 -0.30 17.28
CA LYS B 109 -38.52 -0.52 18.53
C LYS B 109 -37.87 -1.51 19.44
N ALA B 110 -37.09 -2.41 18.85
CA ALA B 110 -36.29 -3.39 19.59
C ALA B 110 -34.87 -2.90 19.91
N GLY B 111 -34.60 -1.60 19.70
CA GLY B 111 -33.29 -1.04 19.93
C GLY B 111 -32.22 -1.56 18.99
N ILE B 112 -32.63 -1.97 17.78
CA ILE B 112 -31.73 -2.55 16.79
C ILE B 112 -31.67 -1.65 15.56
N HIS B 113 -30.48 -1.48 15.03
CA HIS B 113 -30.26 -0.64 13.89
C HIS B 113 -30.27 -1.50 12.63
N ILE B 114 -30.19 -0.87 11.47
CA ILE B 114 -30.12 -1.59 10.20
C ILE B 114 -29.19 -0.89 9.24
N ILE B 115 -28.46 -1.65 8.45
CA ILE B 115 -27.61 -1.07 7.42
C ILE B 115 -27.69 -1.86 6.12
N MET B 116 -27.57 -1.19 4.98
CA MET B 116 -27.76 -1.85 3.72
C MET B 116 -26.52 -1.77 2.85
N ASP B 117 -26.35 -2.79 2.03
CA ASP B 117 -25.35 -2.80 0.95
C ASP B 117 -25.74 -1.83 -0.15
N PHE B 118 -24.94 -0.79 -0.37
CA PHE B 118 -25.18 0.20 -1.44
C PHE B 118 -23.94 0.32 -2.31
N VAL B 119 -24.08 0.02 -3.60
CA VAL B 119 -22.95 -0.20 -4.51
C VAL B 119 -22.73 1.03 -5.38
N LEU B 120 -21.53 1.60 -5.33
CA LEU B 120 -21.33 2.93 -5.92
C LEU B 120 -20.66 2.91 -7.25
N ASN B 121 -20.36 1.73 -7.77
CA ASN B 121 -19.56 1.63 -8.96
C ASN B 121 -20.33 1.28 -10.21
N HIS B 122 -21.52 0.70 -10.07
CA HIS B 122 -22.25 0.25 -11.24
C HIS B 122 -23.73 0.01 -10.96
N THR B 123 -24.48 -0.09 -12.03
CA THR B 123 -25.87 -0.51 -12.00
C THR B 123 -25.95 -1.72 -12.90
N SER B 124 -27.16 -2.28 -13.04
CA SER B 124 -27.40 -3.28 -14.07
C SER B 124 -27.75 -2.57 -15.38
N ASP B 125 -27.51 -3.29 -16.48
CA ASP B 125 -28.02 -2.92 -17.81
C ASP B 125 -29.51 -2.55 -17.82
N GLN B 126 -30.26 -3.12 -16.88
CA GLN B 126 -31.69 -2.83 -16.72
C GLN B 126 -32.04 -1.49 -16.07
N HIS B 127 -31.11 -0.80 -15.43
CA HIS B 127 -31.43 0.46 -14.75
C HIS B 127 -31.99 1.48 -15.76
N PRO B 128 -33.09 2.22 -15.42
CA PRO B 128 -33.64 3.26 -16.30
C PRO B 128 -32.61 4.12 -17.05
N TRP B 129 -31.62 4.63 -16.31
CA TRP B 129 -30.49 5.41 -16.86
C TRP B 129 -29.76 4.70 -17.99
N PHE B 130 -29.39 3.43 -17.80
CA PHE B 130 -28.66 2.72 -18.83
C PHE B 130 -29.57 2.38 -20.00
N GLN B 131 -30.81 2.04 -19.70
CA GLN B 131 -31.81 1.81 -20.73
C GLN B 131 -32.09 3.06 -21.57
N ASP B 132 -31.93 4.24 -20.99
CA ASP B 132 -32.04 5.47 -21.77
C ASP B 132 -30.83 5.68 -22.70
N ALA B 133 -29.62 5.43 -22.22
CA ALA B 133 -28.42 5.62 -23.05
C ALA B 133 -28.21 4.51 -24.10
N ILE B 134 -28.62 3.28 -23.78
CA ILE B 134 -28.57 2.17 -24.75
C ILE B 134 -29.54 2.37 -25.94
N LYS B 135 -30.61 3.16 -25.72
CA LYS B 135 -31.69 3.41 -26.71
C LYS B 135 -31.80 4.84 -27.28
N ASN B 136 -31.38 5.85 -26.54
CA ASN B 136 -31.58 7.26 -26.92
C ASN B 136 -30.26 8.03 -27.14
N PRO B 137 -29.96 8.43 -28.41
CA PRO B 137 -28.79 9.30 -28.66
C PRO B 137 -28.99 10.75 -28.16
N ASP B 138 -27.90 11.38 -27.70
CA ASP B 138 -27.92 12.71 -27.04
C ASP B 138 -28.85 12.78 -25.83
N SER B 139 -29.11 11.64 -25.19
CA SER B 139 -29.75 11.64 -23.89
C SER B 139 -28.74 12.17 -22.89
N LEU B 140 -29.23 12.70 -21.77
CA LEU B 140 -28.39 13.00 -20.57
C LEU B 140 -27.48 11.82 -20.18
N TYR B 141 -28.06 10.63 -20.33
CA TYR B 141 -27.63 9.46 -19.62
C TYR B 141 -26.48 8.61 -20.22
N ARG B 142 -25.96 8.98 -21.39
CA ARG B 142 -24.71 8.36 -21.88
C ARG B 142 -23.48 8.78 -21.02
N ASP B 143 -23.50 10.01 -20.50
CA ASP B 143 -22.45 10.48 -19.57
C ASP B 143 -22.52 9.85 -18.16
N TYR B 144 -23.68 9.34 -17.76
CA TYR B 144 -23.84 8.65 -16.48
C TYR B 144 -23.10 7.32 -16.45
N TYR B 145 -22.66 6.83 -17.62
CA TYR B 145 -21.85 5.62 -17.75
C TYR B 145 -20.65 5.95 -18.57
N ILE B 146 -19.78 4.96 -18.76
CA ILE B 146 -18.49 5.23 -19.39
C ILE B 146 -18.46 4.64 -20.80
N PHE B 147 -18.62 5.53 -21.80
CA PHE B 147 -18.66 5.17 -23.22
C PHE B 147 -17.47 5.72 -23.99
N ALA B 148 -16.84 4.87 -24.81
CA ALA B 148 -15.80 5.31 -25.73
C ALA B 148 -15.52 4.24 -26.78
N GLY B 149 -15.00 4.65 -27.92
CA GLY B 149 -14.69 3.76 -29.01
C GLY B 149 -15.12 4.43 -30.30
N HIS B 150 -14.48 4.02 -31.38
CA HIS B 150 -14.85 4.44 -32.73
C HIS B 150 -14.79 3.17 -33.56
N ASP B 151 -15.95 2.64 -33.98
CA ASP B 151 -16.13 1.23 -34.38
C ASP B 151 -16.36 0.46 -33.09
N ASN B 152 -16.90 -0.75 -33.16
CA ASN B 152 -17.12 -1.58 -31.97
C ASN B 152 -15.85 -1.78 -31.09
N LYS B 153 -14.69 -1.67 -31.73
CA LYS B 153 -13.42 -1.98 -31.04
C LYS B 153 -13.15 -1.23 -29.73
N GLN B 154 -12.26 -1.85 -28.97
CA GLN B 154 -11.98 -1.47 -27.61
C GLN B 154 -10.85 -0.43 -27.59
N PRO B 155 -11.11 0.77 -27.01
CA PRO B 155 -10.06 1.81 -27.00
C PRO B 155 -8.83 1.51 -26.13
N ASN B 156 -8.89 0.48 -25.27
CA ASN B 156 -7.71 -0.04 -24.57
C ASN B 156 -7.87 -1.50 -24.10
N ASN B 157 -6.77 -2.06 -23.59
CA ASN B 157 -6.71 -3.48 -23.27
C ASN B 157 -7.14 -3.85 -21.85
N TRP B 158 -7.84 -2.97 -21.14
CA TRP B 158 -8.15 -3.31 -19.74
C TRP B 158 -9.13 -4.47 -19.74
N GLY B 159 -8.89 -5.44 -18.85
CA GLY B 159 -9.70 -6.65 -18.72
C GLY B 159 -10.53 -6.62 -17.45
N SER B 160 -11.75 -7.16 -17.51
CA SER B 160 -12.64 -7.25 -16.32
C SER B 160 -12.23 -8.36 -15.37
N PHE B 161 -12.74 -8.25 -14.15
CA PHE B 161 -12.58 -9.28 -13.13
C PHE B 161 -13.40 -10.53 -13.48
N PHE B 162 -14.44 -10.38 -14.32
CA PHE B 162 -15.27 -11.51 -14.75
C PHE B 162 -14.84 -12.18 -16.09
N GLY B 163 -13.89 -11.59 -16.82
CA GLY B 163 -13.28 -12.25 -17.98
C GLY B 163 -13.39 -11.40 -19.22
N GLY B 164 -12.48 -11.65 -20.16
CA GLY B 164 -12.37 -10.85 -21.37
C GLY B 164 -12.14 -9.37 -21.08
N SER B 165 -12.70 -8.51 -21.91
CA SER B 165 -12.52 -7.05 -21.81
C SER B 165 -13.53 -6.42 -20.87
N VAL B 166 -13.18 -5.22 -20.42
CA VAL B 166 -14.08 -4.34 -19.69
C VAL B 166 -15.06 -3.65 -20.61
N TRP B 167 -14.68 -3.59 -21.88
CA TRP B 167 -15.47 -2.96 -22.90
C TRP B 167 -16.52 -3.92 -23.42
N GLU B 168 -17.64 -3.35 -23.85
CA GLU B 168 -18.69 -4.09 -24.52
C GLU B 168 -19.28 -3.13 -25.56
N PRO B 169 -19.26 -3.52 -26.86
CA PRO B 169 -19.75 -2.57 -27.87
C PRO B 169 -21.24 -2.32 -27.65
N ASP B 170 -21.65 -1.06 -27.65
CA ASP B 170 -23.01 -0.73 -27.19
C ASP B 170 -24.06 -1.25 -28.14
N PRO B 171 -25.18 -1.77 -27.60
CA PRO B 171 -26.26 -2.13 -28.53
C PRO B 171 -26.86 -0.96 -29.34
N ALA B 172 -26.80 0.27 -28.85
CA ALA B 172 -27.46 1.44 -29.49
C ALA B 172 -27.48 1.56 -31.04
N GLY B 173 -26.41 1.24 -31.79
CA GLY B 173 -25.09 0.86 -31.31
C GLY B 173 -24.02 1.51 -32.17
N THR B 174 -23.56 2.67 -31.71
CA THR B 174 -22.81 3.60 -32.55
C THR B 174 -21.38 3.18 -32.93
N GLY B 175 -20.94 1.99 -32.53
CA GLY B 175 -19.55 1.61 -32.69
C GLY B 175 -18.69 2.29 -31.65
N GLN B 176 -19.27 2.50 -30.47
CA GLN B 176 -18.54 2.84 -29.25
C GLN B 176 -18.63 1.59 -28.37
N SER B 177 -18.21 1.72 -27.12
CA SER B 177 -18.33 0.65 -26.15
C SER B 177 -18.45 1.20 -24.75
N TYR B 178 -19.23 0.54 -23.90
CA TYR B 178 -19.41 0.97 -22.50
C TYR B 178 -18.55 0.16 -21.54
N PHE B 179 -18.20 0.77 -20.41
CA PHE B 179 -17.32 0.16 -19.41
C PHE B 179 -18.13 -0.66 -18.44
N HIS B 180 -17.69 -1.91 -18.24
CA HIS B 180 -18.13 -2.75 -17.13
C HIS B 180 -16.89 -3.38 -16.50
N LEU B 181 -16.75 -3.23 -15.20
CA LEU B 181 -15.59 -3.78 -14.52
C LEU B 181 -15.83 -5.22 -14.10
N PHE B 182 -17.09 -5.62 -14.02
CA PHE B 182 -17.42 -6.96 -13.64
C PHE B 182 -18.11 -7.61 -14.83
N ASP B 183 -19.36 -8.07 -14.67
CA ASP B 183 -20.06 -8.71 -15.79
C ASP B 183 -20.50 -7.70 -16.85
N LYS B 184 -20.58 -8.22 -18.08
CA LYS B 184 -21.02 -7.48 -19.27
C LYS B 184 -22.36 -6.74 -19.06
N ARG B 185 -23.24 -7.30 -18.20
CA ARG B 185 -24.54 -6.67 -17.87
C ARG B 185 -24.51 -5.69 -16.68
N MET B 186 -23.34 -5.40 -16.12
CA MET B 186 -23.23 -4.45 -14.99
C MET B 186 -22.29 -3.30 -15.37
N PRO B 187 -22.85 -2.29 -16.08
CA PRO B 187 -22.08 -1.14 -16.62
C PRO B 187 -21.65 -0.17 -15.55
N ASP B 188 -20.43 0.35 -15.68
CA ASP B 188 -19.87 1.18 -14.63
C ASP B 188 -20.37 2.60 -14.74
N LEU B 189 -20.55 3.23 -13.57
CA LEU B 189 -20.89 4.64 -13.45
C LEU B 189 -19.69 5.56 -13.61
N ASN B 190 -19.90 6.66 -14.33
CA ASN B 190 -18.88 7.68 -14.53
C ASN B 190 -18.93 8.69 -13.38
N TRP B 191 -18.04 8.53 -12.40
CA TRP B 191 -17.99 9.44 -11.25
C TRP B 191 -17.33 10.81 -11.57
N LYS B 192 -16.72 10.95 -12.75
CA LYS B 192 -16.21 12.25 -13.22
C LYS B 192 -17.36 13.24 -13.40
N ASN B 193 -18.45 12.75 -14.01
CA ASN B 193 -19.68 13.51 -14.24
C ASN B 193 -20.42 13.75 -12.90
N PRO B 194 -20.48 15.03 -12.44
CA PRO B 194 -21.07 15.32 -11.12
C PRO B 194 -22.57 15.06 -11.01
N GLU B 195 -23.25 14.88 -12.15
CA GLU B 195 -24.63 14.45 -12.15
C GLU B 195 -24.82 13.05 -11.54
N VAL B 196 -23.88 12.10 -11.71
CA VAL B 196 -23.98 10.80 -11.00
C VAL B 196 -23.78 11.00 -9.50
N ARG B 197 -22.83 11.85 -9.14
CA ARG B 197 -22.40 12.00 -7.77
C ARG B 197 -23.54 12.51 -6.94
N HIS B 198 -24.25 13.53 -7.42
CA HIS B 198 -25.45 13.98 -6.76
C HIS B 198 -26.50 12.86 -6.70
N ALA B 199 -26.67 12.11 -7.78
CA ALA B 199 -27.69 11.06 -7.86
C ALA B 199 -27.52 9.92 -6.85
N MET B 200 -26.27 9.48 -6.70
CA MET B 200 -25.94 8.41 -5.77
C MET B 200 -26.16 8.92 -4.33
N LEU B 201 -25.85 10.20 -4.10
CA LEU B 201 -26.10 10.87 -2.83
C LEU B 201 -27.58 10.88 -2.51
N GLU B 202 -28.39 11.21 -3.51
CA GLU B 202 -29.84 11.23 -3.38
C GLU B 202 -30.38 9.85 -3.01
N ILE B 203 -29.83 8.79 -3.60
CA ILE B 203 -30.19 7.41 -3.22
C ILE B 203 -29.89 7.15 -1.73
N ALA B 204 -28.68 7.51 -1.30
CA ALA B 204 -28.27 7.32 0.08
C ALA B 204 -29.17 8.09 1.05
N GLU B 205 -29.37 9.38 0.74
CA GLU B 205 -30.26 10.24 1.54
C GLU B 205 -31.68 9.70 1.60
N PHE B 206 -32.20 9.22 0.46
CA PHE B 206 -33.55 8.62 0.38
C PHE B 206 -33.75 7.56 1.45
N TRP B 207 -32.76 6.66 1.51
CA TRP B 207 -32.80 5.56 2.44
C TRP B 207 -32.55 6.02 3.86
N LEU B 208 -31.61 6.94 4.04
CA LEU B 208 -31.36 7.45 5.38
C LEU B 208 -32.61 8.12 5.94
N LYS B 209 -33.41 8.77 5.09
CA LYS B 209 -34.66 9.37 5.53
C LYS B 209 -35.70 8.34 5.95
N LYS B 210 -35.72 7.20 5.28
CA LYS B 210 -36.51 6.04 5.74
C LYS B 210 -36.21 5.67 7.21
N GLY B 211 -34.95 5.84 7.58
CA GLY B 211 -34.48 5.63 8.93
C GLY B 211 -33.53 4.46 9.03
N ILE B 212 -32.90 4.07 7.93
CA ILE B 212 -31.84 3.09 8.04
C ILE B 212 -30.61 3.80 8.61
N ASP B 213 -29.86 3.10 9.47
CA ASP B 213 -28.91 3.73 10.32
C ASP B 213 -27.50 3.76 9.75
N GLY B 214 -27.28 3.06 8.64
CA GLY B 214 -25.95 3.09 8.03
C GLY B 214 -25.95 2.44 6.68
N LEU B 215 -24.78 2.29 6.09
CA LEU B 215 -24.69 1.82 4.70
C LEU B 215 -23.34 1.22 4.44
N ARG B 216 -23.34 0.04 3.85
CA ARG B 216 -22.12 -0.62 3.43
C ARG B 216 -21.78 -0.20 1.99
N LEU B 217 -20.82 0.69 1.88
CA LEU B 217 -20.47 1.29 0.59
C LEU B 217 -19.60 0.33 -0.21
N ASP B 218 -20.20 -0.29 -1.20
CA ASP B 218 -19.60 -1.42 -1.87
C ASP B 218 -18.84 -1.07 -3.17
N ALA B 219 -17.67 -1.68 -3.35
CA ALA B 219 -16.85 -1.48 -4.52
C ALA B 219 -16.46 -0.03 -4.71
N PHE B 220 -16.50 0.76 -3.64
CA PHE B 220 -16.25 2.20 -3.75
C PHE B 220 -14.84 2.50 -4.25
N ILE B 221 -13.89 1.62 -3.91
CA ILE B 221 -12.51 1.70 -4.39
C ILE B 221 -12.31 1.78 -5.92
N HIS B 222 -13.34 1.46 -6.69
CA HIS B 222 -13.24 1.39 -8.14
C HIS B 222 -13.86 2.56 -8.90
N ILE B 223 -14.55 3.47 -8.20
CA ILE B 223 -15.08 4.70 -8.84
C ILE B 223 -13.95 5.46 -9.58
N GLY B 224 -12.71 5.34 -9.12
CA GLY B 224 -11.57 5.95 -9.78
C GLY B 224 -10.94 5.06 -10.82
N LYS B 225 -10.85 5.57 -12.03
CA LYS B 225 -10.28 4.83 -13.13
C LYS B 225 -9.42 5.78 -13.89
N ALA B 226 -8.34 5.24 -14.44
CA ALA B 226 -7.26 6.05 -15.01
C ALA B 226 -7.69 6.81 -16.27
N ASP B 227 -6.74 7.49 -16.91
CA ASP B 227 -6.93 8.03 -18.26
C ASP B 227 -7.26 6.88 -19.20
N LEU B 228 -8.43 6.97 -19.83
CA LEU B 228 -8.93 5.90 -20.67
C LEU B 228 -8.03 5.62 -21.87
N ARG B 229 -7.37 6.66 -22.37
CA ARG B 229 -6.43 6.57 -23.49
C ARG B 229 -5.23 5.66 -23.19
N GLN B 230 -4.88 5.43 -21.92
CA GLN B 230 -3.73 4.59 -21.58
C GLN B 230 -4.03 3.11 -21.68
N ASN B 231 -2.99 2.34 -22.01
CA ASN B 231 -3.00 0.89 -21.89
C ASN B 231 -2.16 0.52 -20.68
N TYR B 232 -2.25 -0.73 -20.28
CA TYR B 232 -1.33 -1.31 -19.31
C TYR B 232 -0.41 -2.23 -20.12
N PRO B 233 0.93 -2.09 -20.01
CA PRO B 233 1.81 -3.04 -20.71
C PRO B 233 1.79 -4.40 -20.01
N ALA B 234 1.59 -5.48 -20.76
CA ALA B 234 1.23 -6.79 -20.19
C ALA B 234 2.01 -7.98 -20.80
N MET B 235 1.47 -9.20 -20.61
CA MET B 235 1.82 -10.39 -21.44
C MET B 235 1.69 -10.05 -22.93
N ASP B 236 0.55 -9.40 -23.25
CA ASP B 236 0.17 -8.94 -24.59
C ASP B 236 -0.38 -10.10 -25.43
N ASP B 237 -1.37 -9.87 -26.29
CA ASP B 237 -2.21 -8.69 -26.32
C ASP B 237 -3.59 -9.00 -25.73
N LYS B 238 -3.66 -10.09 -24.96
CA LYS B 238 -4.89 -10.42 -24.23
C LYS B 238 -5.17 -9.35 -23.15
N PRO B 239 -6.41 -8.82 -23.10
CA PRO B 239 -6.79 -7.90 -22.03
C PRO B 239 -6.50 -8.40 -20.63
N VAL B 240 -6.04 -7.46 -19.79
CA VAL B 240 -5.34 -7.75 -18.52
C VAL B 240 -6.02 -7.04 -17.35
N ILE B 241 -6.12 -7.74 -16.22
CA ILE B 241 -6.77 -7.19 -15.02
C ILE B 241 -5.83 -6.20 -14.33
N ALA B 242 -5.94 -4.94 -14.77
CA ALA B 242 -5.03 -3.85 -14.39
C ALA B 242 -5.57 -3.08 -13.18
N GLU B 243 -5.39 -3.67 -12.00
CA GLU B 243 -5.88 -3.05 -10.77
C GLU B 243 -5.43 -1.60 -10.60
N PRO B 244 -4.13 -1.30 -10.87
CA PRO B 244 -3.64 0.09 -10.71
C PRO B 244 -4.42 1.14 -11.47
N PHE B 245 -4.99 0.76 -12.59
CA PHE B 245 -5.75 1.70 -13.41
C PHE B 245 -7.21 1.87 -12.92
N PHE B 246 -7.71 0.94 -12.10
CA PHE B 246 -9.11 1.04 -11.65
C PHE B 246 -9.38 0.64 -10.19
N ALA B 247 -8.38 0.82 -9.32
CA ALA B 247 -8.52 0.54 -7.90
C ALA B 247 -7.64 1.47 -7.05
N ASN B 248 -8.32 2.10 -6.08
CA ASN B 248 -7.73 2.95 -5.04
C ASN B 248 -7.11 4.26 -5.53
N LEU B 249 -7.64 4.84 -6.61
CA LEU B 249 -7.05 6.07 -7.16
C LEU B 249 -7.33 7.25 -6.23
N PRO B 250 -6.50 8.32 -6.32
CA PRO B 250 -6.76 9.53 -5.55
C PRO B 250 -8.16 10.10 -5.78
N GLN B 251 -8.64 9.96 -7.02
CA GLN B 251 -10.00 10.39 -7.41
C GLN B 251 -11.04 9.78 -6.47
N VAL B 252 -10.83 8.51 -6.08
CA VAL B 252 -11.73 7.81 -5.16
C VAL B 252 -11.99 8.67 -3.93
N GLN B 253 -10.91 9.16 -3.29
CA GLN B 253 -11.07 9.90 -2.06
C GLN B 253 -11.74 11.24 -2.30
N GLU B 254 -11.28 12.00 -3.30
CA GLU B 254 -11.89 13.34 -3.60
C GLU B 254 -13.38 13.27 -4.00
N TRP B 255 -13.78 12.22 -4.71
CA TRP B 255 -15.21 12.06 -5.06
C TRP B 255 -16.02 11.58 -3.86
N MET B 256 -15.45 10.71 -3.03
CA MET B 256 -16.16 10.23 -1.82
C MET B 256 -16.33 11.32 -0.77
N ARG B 257 -15.39 12.25 -0.71
CA ARG B 257 -15.31 13.21 0.39
C ARG B 257 -16.61 13.99 0.53
N PRO B 258 -17.06 14.68 -0.52
CA PRO B 258 -18.33 15.40 -0.41
C PRO B 258 -19.55 14.48 -0.26
N PHE B 259 -19.51 13.30 -0.90
CA PHE B 259 -20.53 12.27 -0.72
C PHE B 259 -20.68 11.94 0.79
N CYS B 260 -19.56 11.65 1.44
CA CYS B 260 -19.57 11.31 2.86
C CYS B 260 -19.94 12.49 3.75
N GLU B 261 -19.36 13.65 3.48
N GLU B 261 -19.35 13.65 3.49
CA GLU B 261 -19.60 14.84 4.30
CA GLU B 261 -19.56 14.83 4.32
C GLU B 261 -21.05 15.23 4.30
C GLU B 261 -21.03 15.27 4.30
N GLN B 262 -21.67 15.18 3.14
CA GLN B 262 -23.08 15.52 3.03
C GLN B 262 -23.96 14.56 3.84
N ILE B 263 -23.67 13.25 3.76
CA ILE B 263 -24.43 12.21 4.50
C ILE B 263 -24.34 12.50 5.99
N LYS B 264 -23.12 12.77 6.41
CA LYS B 264 -22.81 13.01 7.81
C LYS B 264 -23.49 14.27 8.35
N GLU B 265 -23.43 15.34 7.56
CA GLU B 265 -24.08 16.58 7.90
C GLU B 265 -25.55 16.41 8.22
N ASP B 266 -26.27 15.80 7.27
CA ASP B 266 -27.71 15.60 7.35
C ASP B 266 -28.14 14.43 8.25
N TYR B 267 -27.26 13.43 8.42
CA TYR B 267 -27.56 12.25 9.22
C TYR B 267 -26.29 11.85 9.96
N PRO B 268 -25.98 12.57 11.04
CA PRO B 268 -24.69 12.40 11.72
C PRO B 268 -24.56 11.13 12.54
N ASP B 269 -25.68 10.48 12.88
CA ASP B 269 -25.63 9.16 13.53
C ASP B 269 -25.37 8.01 12.56
N ALA B 270 -25.25 8.32 11.28
CA ALA B 270 -25.19 7.30 10.24
C ALA B 270 -23.82 6.66 10.06
N LEU B 271 -23.77 5.33 10.17
CA LEU B 271 -22.54 4.56 9.93
C LEU B 271 -22.21 4.48 8.44
N LEU B 272 -21.00 4.87 8.08
CA LEU B 272 -20.53 4.73 6.70
C LEU B 272 -19.39 3.75 6.74
N LEU B 273 -19.65 2.53 6.28
CA LEU B 273 -18.76 1.40 6.49
C LEU B 273 -18.31 0.87 5.11
N GLY B 274 -17.00 0.87 4.86
CA GLY B 274 -16.47 0.61 3.51
C GLY B 274 -16.10 -0.83 3.24
N GLU B 275 -16.13 -1.21 1.96
CA GLU B 275 -15.53 -2.47 1.52
C GLU B 275 -14.25 -2.15 0.79
N ALA B 276 -13.12 -2.39 1.45
CA ALA B 276 -11.78 -2.23 0.86
C ALA B 276 -11.15 -3.57 0.79
N ALA B 277 -11.78 -4.44 0.03
CA ALA B 277 -11.32 -5.82 -0.08
C ALA B 277 -9.88 -5.84 -0.58
N SER B 278 -8.99 -6.36 0.25
CA SER B 278 -7.58 -6.49 -0.07
C SER B 278 -6.90 -5.14 -0.39
N ALA B 279 -7.30 -4.11 0.33
CA ALA B 279 -6.64 -2.82 0.23
C ALA B 279 -5.41 -2.85 1.14
N SER B 280 -4.39 -2.02 0.84
CA SER B 280 -3.33 -1.70 1.81
C SER B 280 -3.90 -1.26 3.17
N VAL B 281 -3.15 -1.55 4.23
CA VAL B 281 -3.55 -1.11 5.57
C VAL B 281 -3.41 0.41 5.68
N ASN B 282 -2.42 0.94 4.95
CA ASN B 282 -2.21 2.38 4.82
C ASN B 282 -3.40 3.03 4.13
N LEU B 283 -4.02 2.29 3.21
CA LEU B 283 -5.27 2.74 2.55
C LEU B 283 -6.44 2.71 3.46
N ALA B 284 -6.52 1.70 4.30
CA ALA B 284 -7.59 1.64 5.30
C ALA B 284 -7.66 2.87 6.24
N VAL B 285 -6.46 3.35 6.59
CA VAL B 285 -6.21 4.65 7.27
C VAL B 285 -6.80 5.81 6.44
N ASP B 286 -6.31 5.95 5.21
CA ASP B 286 -6.77 6.98 4.29
C ASP B 286 -8.30 7.01 4.27
N TYR B 287 -8.93 5.85 4.14
CA TYR B 287 -10.39 5.76 4.05
C TYR B 287 -11.09 5.98 5.39
N THR B 288 -10.43 5.69 6.52
CA THR B 288 -11.13 5.77 7.83
C THR B 288 -10.69 6.92 8.72
N ASN B 289 -9.60 7.60 8.36
CA ASN B 289 -9.06 8.67 9.20
C ASN B 289 -10.09 9.80 9.31
N LYS B 290 -10.40 10.24 10.54
CA LYS B 290 -11.37 11.33 10.77
C LYS B 290 -11.02 12.61 9.97
N ARG B 291 -9.71 12.85 9.75
CA ARG B 291 -9.22 14.04 9.01
C ARG B 291 -9.68 14.07 7.57
N ASN B 292 -9.78 12.90 6.94
CA ASN B 292 -10.22 12.83 5.55
C ASN B 292 -11.72 12.84 5.33
N HIS B 293 -12.54 12.87 6.38
CA HIS B 293 -14.02 13.02 6.25
C HIS B 293 -14.70 11.96 5.38
N LEU B 294 -14.13 10.74 5.34
CA LEU B 294 -14.68 9.65 4.53
C LEU B 294 -15.46 8.69 5.46
N MET B 295 -14.88 7.52 5.74
CA MET B 295 -15.60 6.36 6.25
C MET B 295 -15.43 6.29 7.74
N ASP B 296 -16.31 5.58 8.41
CA ASP B 296 -16.09 5.26 9.81
C ASP B 296 -15.18 4.01 9.98
N CYS B 297 -15.54 2.88 9.35
CA CYS B 297 -14.79 1.61 9.41
C CYS B 297 -14.56 1.06 8.04
N VAL B 298 -13.80 -0.01 7.98
CA VAL B 298 -13.65 -0.74 6.75
C VAL B 298 -13.56 -2.26 7.05
N ILE B 299 -14.31 -3.04 6.26
CA ILE B 299 -14.09 -4.46 6.12
C ILE B 299 -12.89 -4.64 5.21
N THR B 300 -11.99 -5.51 5.66
CA THR B 300 -10.87 -5.90 4.85
C THR B 300 -10.94 -7.41 4.66
N PHE B 301 -10.38 -7.87 3.54
CA PHE B 301 -10.30 -9.29 3.17
C PHE B 301 -8.91 -9.86 3.46
N ARG B 302 -7.97 -9.00 3.90
CA ARG B 302 -6.56 -9.39 4.17
C ARG B 302 -6.32 -10.21 5.44
N TYR B 303 -7.35 -10.50 6.23
CA TYR B 303 -7.15 -11.26 7.47
C TYR B 303 -6.70 -12.74 7.28
N PHE B 304 -7.01 -13.37 6.14
CA PHE B 304 -6.90 -14.85 5.97
C PHE B 304 -5.83 -15.35 4.95
N THR B 305 -4.77 -15.98 5.47
CA THR B 305 -3.68 -16.61 4.67
C THR B 305 -2.89 -15.54 3.93
N SER B 316 -5.19 -31.56 -9.52
CA SER B 316 -6.28 -30.72 -9.02
C SER B 316 -5.81 -29.50 -8.25
N ALA B 317 -6.58 -28.42 -8.38
CA ALA B 317 -6.24 -27.12 -7.78
C ALA B 317 -7.52 -26.31 -7.57
N GLN B 318 -7.60 -25.56 -6.48
CA GLN B 318 -8.60 -24.47 -6.27
C GLN B 318 -9.83 -24.77 -5.39
N TYR B 319 -10.22 -26.03 -5.17
CA TYR B 319 -11.37 -26.31 -4.26
C TYR B 319 -10.99 -27.32 -3.17
N GLN B 320 -9.69 -27.40 -2.92
CA GLN B 320 -9.20 -28.28 -1.91
C GLN B 320 -9.41 -27.59 -0.55
N PRO B 321 -9.93 -28.33 0.47
CA PRO B 321 -10.22 -27.68 1.75
C PRO B 321 -9.08 -26.80 2.27
N LYS B 322 -9.44 -25.62 2.78
CA LYS B 322 -8.49 -24.55 3.09
C LYS B 322 -7.73 -24.89 4.36
N GLU B 323 -6.42 -24.63 4.35
CA GLU B 323 -5.59 -24.69 5.55
C GLU B 323 -5.10 -23.27 5.82
N LEU B 324 -5.63 -22.63 6.85
CA LEU B 324 -5.22 -21.25 7.21
C LEU B 324 -3.77 -21.18 7.71
N ASP B 325 -2.96 -20.37 7.03
CA ASP B 325 -1.58 -20.11 7.45
C ASP B 325 -1.63 -19.35 8.76
N LEU B 326 -1.45 -20.09 9.84
CA LEU B 326 -1.89 -19.62 11.14
C LEU B 326 -1.03 -18.48 11.63
N THR B 327 0.27 -18.49 11.32
CA THR B 327 1.16 -17.42 11.79
C THR B 327 0.86 -16.15 11.00
N ALA B 328 0.71 -16.29 9.68
CA ALA B 328 0.28 -15.18 8.83
C ALA B 328 -0.99 -14.47 9.36
N PHE B 329 -1.94 -15.24 9.87
CA PHE B 329 -3.16 -14.68 10.48
C PHE B 329 -2.83 -13.80 11.70
N LYS B 330 -1.94 -14.31 12.53
CA LYS B 330 -1.49 -13.57 13.70
C LYS B 330 -0.80 -12.24 13.29
N GLN B 331 0.05 -12.26 12.26
CA GLN B 331 0.72 -11.05 11.78
C GLN B 331 -0.27 -9.96 11.37
N ASN B 332 -1.25 -10.34 10.54
CA ASN B 332 -2.22 -9.40 10.01
C ASN B 332 -3.16 -8.93 11.06
N GLN B 333 -3.63 -9.84 11.92
CA GLN B 333 -4.53 -9.46 13.00
C GLN B 333 -3.92 -8.41 13.89
N VAL B 334 -2.63 -8.57 14.18
CA VAL B 334 -1.88 -7.59 14.97
C VAL B 334 -1.58 -6.27 14.20
N VAL B 335 -1.03 -6.37 12.98
CA VAL B 335 -0.75 -5.19 12.12
C VAL B 335 -1.97 -4.25 12.07
N TRP B 336 -3.14 -4.83 11.78
CA TRP B 336 -4.40 -4.11 11.69
C TRP B 336 -4.85 -3.47 13.02
N GLN B 337 -4.86 -4.25 14.10
CA GLN B 337 -5.24 -3.70 15.39
C GLN B 337 -4.30 -2.55 15.78
N GLN B 338 -3.04 -2.69 15.40
CA GLN B 338 -2.01 -1.72 15.73
C GLN B 338 -2.12 -0.47 14.84
N THR B 339 -2.02 -0.65 13.53
CA THR B 339 -2.00 0.49 12.60
C THR B 339 -3.27 1.35 12.70
N LEU B 340 -4.37 0.77 13.14
CA LEU B 340 -5.61 1.52 13.33
C LEU B 340 -5.89 1.89 14.79
N ALA B 341 -4.89 1.87 15.64
CA ALA B 341 -5.18 1.99 17.08
C ALA B 341 -5.66 3.40 17.44
N ASP B 342 -4.92 4.39 16.96
CA ASP B 342 -5.25 5.80 17.17
C ASP B 342 -6.48 6.26 16.35
N ILE B 343 -6.80 5.59 15.21
CA ILE B 343 -7.78 6.10 14.23
C ILE B 343 -8.79 5.12 13.67
N SER B 344 -9.94 5.04 14.32
CA SER B 344 -11.08 4.21 13.87
C SER B 344 -10.96 2.68 14.06
N GLN B 345 -12.14 2.07 14.28
CA GLN B 345 -12.34 0.70 14.77
C GLN B 345 -12.10 -0.29 13.64
N PRO B 346 -11.31 -1.34 13.88
CA PRO B 346 -11.32 -2.44 12.93
C PRO B 346 -12.63 -3.21 12.97
N THR B 347 -12.90 -3.87 11.87
CA THR B 347 -14.04 -4.78 11.75
C THR B 347 -13.57 -6.19 12.06
N LEU B 348 -14.42 -6.95 12.71
CA LEU B 348 -14.05 -8.24 13.25
C LEU B 348 -15.05 -9.28 12.75
N TYR B 349 -14.58 -10.17 11.86
CA TYR B 349 -15.45 -11.16 11.23
C TYR B 349 -14.69 -12.42 10.80
N TRP B 350 -15.41 -13.54 10.73
CA TRP B 350 -14.82 -14.84 10.40
C TRP B 350 -15.22 -15.33 9.01
N ASN B 351 -16.52 -15.33 8.77
CA ASN B 351 -17.12 -15.95 7.60
C ASN B 351 -18.24 -15.05 7.11
N ASN B 352 -18.86 -15.45 6.00
CA ASN B 352 -19.52 -14.52 5.11
C ASN B 352 -20.50 -15.20 4.17
N HIS B 353 -21.15 -14.40 3.35
CA HIS B 353 -21.96 -14.89 2.25
C HIS B 353 -21.10 -15.23 1.01
N ASP B 354 -19.89 -14.67 0.94
CA ASP B 354 -18.94 -15.03 -0.13
C ASP B 354 -17.82 -15.96 0.32
N MET B 355 -17.98 -16.63 1.48
CA MET B 355 -17.04 -17.70 1.88
C MET B 355 -17.63 -18.79 2.82
N ALA B 356 -16.96 -19.95 2.83
CA ALA B 356 -17.39 -21.09 3.62
C ALA B 356 -17.49 -20.72 5.07
N ARG B 357 -18.48 -21.29 5.74
CA ARG B 357 -18.78 -21.02 7.14
C ARG B 357 -17.63 -21.41 8.07
N LEU B 358 -17.77 -21.06 9.35
CA LEU B 358 -16.64 -21.11 10.29
C LEU B 358 -16.27 -22.56 10.55
N ALA B 359 -17.18 -23.30 11.21
CA ALA B 359 -17.08 -24.75 11.17
C ALA B 359 -17.02 -25.01 9.68
N THR B 360 -16.44 -26.12 9.27
CA THR B 360 -16.18 -26.38 7.83
C THR B 360 -14.88 -25.80 7.35
N ARG B 361 -14.76 -24.47 7.32
CA ARG B 361 -13.59 -23.83 6.68
C ARG B 361 -12.33 -23.91 7.54
N ILE B 362 -12.52 -23.88 8.85
CA ILE B 362 -11.42 -23.64 9.77
C ILE B 362 -11.62 -24.25 11.18
N ALA B 363 -12.85 -24.30 11.71
CA ALA B 363 -13.06 -24.96 13.03
C ALA B 363 -12.99 -26.48 12.91
N LYS B 364 -12.44 -27.13 13.94
CA LYS B 364 -12.25 -28.57 13.96
C LYS B 364 -13.16 -29.23 14.98
N THR B 365 -13.90 -28.44 15.77
CA THR B 365 -14.66 -28.92 16.92
C THR B 365 -15.56 -27.83 17.48
N SER B 366 -16.60 -28.20 18.24
CA SER B 366 -17.52 -27.22 18.87
C SER B 366 -16.74 -26.36 19.85
N THR B 367 -15.76 -26.97 20.49
CA THR B 367 -14.87 -26.22 21.37
C THR B 367 -14.09 -25.15 20.61
N GLN B 368 -13.48 -25.49 19.46
CA GLN B 368 -12.70 -24.50 18.68
C GLN B 368 -13.58 -23.40 18.06
N ALA B 369 -14.79 -23.76 17.65
CA ALA B 369 -15.76 -22.79 17.13
C ALA B 369 -16.01 -21.69 18.16
N LYS B 370 -16.29 -22.09 19.41
CA LYS B 370 -16.44 -21.17 20.54
C LYS B 370 -15.14 -20.36 20.76
N SER B 371 -14.01 -21.08 20.80
CA SER B 371 -12.72 -20.47 21.11
C SER B 371 -12.36 -19.40 20.09
N LEU B 372 -12.66 -19.67 18.83
CA LEU B 372 -12.34 -18.72 17.77
C LEU B 372 -13.20 -17.43 17.83
N ALA B 373 -14.50 -17.59 18.04
CA ALA B 373 -15.40 -16.43 18.17
C ALA B 373 -14.89 -15.50 19.27
N MET B 374 -14.63 -16.08 20.45
CA MET B 374 -13.92 -15.40 21.54
C MET B 374 -12.66 -14.68 21.05
N LEU B 375 -11.78 -15.45 20.38
CA LEU B 375 -10.50 -14.96 19.88
C LEU B 375 -10.63 -13.67 19.14
N MET B 376 -11.53 -13.66 18.16
CA MET B 376 -11.69 -12.52 17.23
C MET B 376 -12.47 -11.36 17.80
N TYR B 377 -13.62 -11.66 18.38
CA TYR B 377 -14.58 -10.62 18.73
C TYR B 377 -14.26 -9.84 20.01
N LEU B 378 -13.61 -10.45 21.00
CA LEU B 378 -13.18 -9.70 22.20
C LEU B 378 -11.92 -8.82 22.04
N GLN B 379 -11.45 -8.64 20.80
CA GLN B 379 -10.44 -7.66 20.46
C GLN B 379 -11.09 -6.27 20.34
N ARG B 380 -10.34 -5.25 19.88
CA ARG B 380 -10.89 -3.92 19.68
C ARG B 380 -11.52 -3.92 18.32
N GLY B 381 -12.77 -3.46 18.27
CA GLY B 381 -13.47 -3.32 17.02
C GLY B 381 -14.94 -3.52 17.13
N ILE B 382 -15.50 -3.78 15.95
CA ILE B 382 -16.91 -4.07 15.81
C ILE B 382 -16.97 -5.48 15.28
N PRO B 383 -17.66 -6.38 15.99
CA PRO B 383 -17.94 -7.69 15.42
C PRO B 383 -19.05 -7.65 14.31
N ILE B 384 -18.77 -8.35 13.20
CA ILE B 384 -19.75 -8.67 12.17
C ILE B 384 -19.82 -10.19 12.12
N ILE B 385 -20.88 -10.76 12.69
CA ILE B 385 -21.03 -12.21 12.76
C ILE B 385 -22.11 -12.65 11.78
N TYR B 386 -21.76 -13.63 10.94
CA TYR B 386 -22.63 -14.08 9.84
C TYR B 386 -23.85 -14.86 10.37
N TYR B 387 -25.03 -14.70 9.78
CA TYR B 387 -26.23 -15.37 10.29
C TYR B 387 -25.93 -16.86 10.34
N GLY B 388 -26.36 -17.52 11.41
CA GLY B 388 -26.12 -18.96 11.57
C GLY B 388 -24.74 -19.37 12.08
N GLU B 389 -23.80 -18.44 12.14
CA GLU B 389 -22.45 -18.71 12.67
C GLU B 389 -22.60 -19.00 14.13
N GLU B 390 -23.43 -18.17 14.82
CA GLU B 390 -23.79 -18.35 16.28
C GLU B 390 -24.32 -19.75 16.70
N LEU B 391 -25.08 -20.44 15.81
CA LEU B 391 -25.54 -21.81 16.02
C LEU B 391 -24.47 -22.87 15.78
N GLY B 392 -23.37 -22.42 15.18
CA GLY B 392 -22.29 -23.28 14.72
C GLY B 392 -22.75 -24.05 13.51
N LEU B 393 -23.19 -23.36 12.48
CA LEU B 393 -23.59 -24.05 11.27
C LEU B 393 -22.36 -24.35 10.42
N LYS B 394 -22.56 -25.32 9.52
CA LYS B 394 -21.58 -25.72 8.53
C LYS B 394 -22.14 -25.48 7.13
N ASN B 395 -21.27 -25.61 6.11
CA ASN B 395 -21.73 -25.59 4.72
C ASN B 395 -22.72 -26.71 4.50
N LEU B 396 -23.69 -26.47 3.62
CA LEU B 396 -24.83 -27.38 3.49
C LEU B 396 -24.44 -28.77 2.99
N HIS B 397 -23.59 -28.83 1.95
CA HIS B 397 -23.15 -30.11 1.37
C HIS B 397 -24.23 -30.70 0.45
N PHE B 398 -23.94 -30.82 -0.84
CA PHE B 398 -24.92 -31.35 -1.81
C PHE B 398 -24.33 -31.81 -3.14
N THR B 399 -25.16 -32.52 -3.92
CA THR B 399 -24.81 -33.10 -5.23
C THR B 399 -25.50 -32.33 -6.37
N SER B 400 -24.89 -32.36 -7.55
CA SER B 400 -25.37 -31.64 -8.75
C SER B 400 -24.79 -30.24 -8.87
N VAL B 401 -24.00 -30.02 -9.94
CA VAL B 401 -23.46 -28.70 -10.32
C VAL B 401 -24.48 -27.55 -10.31
N ASP B 402 -25.70 -27.80 -10.80
CA ASP B 402 -26.72 -26.75 -10.95
C ASP B 402 -26.86 -25.91 -9.68
N GLN B 403 -27.11 -26.59 -8.57
CA GLN B 403 -27.29 -25.92 -7.28
C GLN B 403 -26.25 -24.84 -7.00
N PHE B 404 -24.99 -25.07 -7.40
CA PHE B 404 -23.88 -24.13 -7.16
C PHE B 404 -23.99 -22.75 -7.81
N GLU B 405 -24.75 -22.63 -8.91
CA GLU B 405 -24.83 -21.40 -9.72
C GLU B 405 -23.43 -20.98 -10.20
N ASP B 406 -22.56 -21.97 -10.43
CA ASP B 406 -21.14 -21.75 -10.73
C ASP B 406 -20.63 -22.71 -11.80
N GLN B 407 -19.70 -22.18 -12.58
CA GLN B 407 -19.23 -22.78 -13.81
C GLN B 407 -18.14 -23.81 -13.49
N THR B 408 -17.12 -23.38 -12.74
CA THR B 408 -15.86 -24.14 -12.52
C THR B 408 -16.01 -25.43 -11.73
N VAL B 409 -17.17 -25.64 -11.11
CA VAL B 409 -17.41 -26.81 -10.27
C VAL B 409 -17.41 -28.10 -11.09
N ALA B 410 -18.13 -28.09 -12.21
CA ALA B 410 -18.14 -29.24 -13.11
C ALA B 410 -16.72 -29.68 -13.55
N PRO B 411 -15.94 -28.78 -14.20
CA PRO B 411 -14.58 -29.18 -14.62
C PRO B 411 -13.64 -29.51 -13.48
N TRP B 412 -13.85 -28.91 -12.31
CA TRP B 412 -13.03 -29.21 -11.14
C TRP B 412 -13.31 -30.61 -10.59
N ILE B 413 -14.57 -31.02 -10.51
CA ILE B 413 -14.92 -32.35 -9.98
C ILE B 413 -14.29 -33.46 -10.83
N LYS B 414 -14.22 -33.25 -12.16
CA LYS B 414 -13.53 -34.16 -13.08
C LYS B 414 -12.07 -34.49 -12.69
N GLU B 415 -11.35 -33.51 -12.16
CA GLU B 415 -9.92 -33.67 -11.78
C GLU B 415 -9.75 -34.63 -10.60
N ALA B 416 -10.52 -34.39 -9.53
CA ALA B 416 -10.55 -35.27 -8.36
C ALA B 416 -11.00 -36.70 -8.69
N GLN B 417 -12.02 -36.81 -9.55
CA GLN B 417 -12.50 -38.11 -10.01
C GLN B 417 -11.35 -38.86 -10.68
N LYS B 418 -10.67 -38.20 -11.63
CA LYS B 418 -9.41 -38.72 -12.21
C LYS B 418 -8.43 -39.09 -11.10
N ALA B 419 -8.32 -38.22 -10.09
CA ALA B 419 -7.57 -38.55 -8.87
C ALA B 419 -8.07 -39.83 -8.16
N GLY B 420 -9.30 -40.23 -8.43
CA GLY B 420 -9.85 -41.44 -7.85
C GLY B 420 -10.30 -41.16 -6.44
N ILE B 421 -10.66 -39.90 -6.17
CA ILE B 421 -11.41 -39.52 -4.98
C ILE B 421 -12.86 -39.81 -5.36
N SER B 422 -13.62 -40.37 -4.42
CA SER B 422 -15.00 -40.80 -4.70
C SER B 422 -15.87 -39.65 -5.22
N ARG B 423 -16.96 -40.01 -5.91
CA ARG B 423 -18.00 -39.05 -6.25
C ARG B 423 -18.48 -38.32 -4.99
N ASP B 424 -18.85 -39.12 -3.99
CA ASP B 424 -19.22 -38.63 -2.64
C ASP B 424 -18.19 -37.60 -2.15
N ALA B 425 -16.94 -38.06 -2.02
CA ALA B 425 -15.85 -37.25 -1.50
C ALA B 425 -15.53 -36.00 -2.36
N ALA B 426 -15.59 -36.10 -3.69
CA ALA B 426 -15.35 -34.95 -4.58
C ALA B 426 -16.36 -33.81 -4.38
N PHE B 427 -17.64 -34.16 -4.36
CA PHE B 427 -18.73 -33.21 -4.08
C PHE B 427 -18.55 -32.56 -2.73
N ALA B 428 -18.23 -33.37 -1.73
CA ALA B 428 -17.93 -32.87 -0.39
C ALA B 428 -16.91 -31.73 -0.41
N MET B 429 -15.73 -32.02 -0.96
CA MET B 429 -14.62 -31.06 -1.01
C MET B 429 -15.04 -29.70 -1.57
N VAL B 430 -15.80 -29.72 -2.66
CA VAL B 430 -16.29 -28.48 -3.29
C VAL B 430 -17.38 -27.86 -2.45
N SER B 431 -18.28 -28.67 -1.92
CA SER B 431 -19.33 -28.16 -1.02
C SER B 431 -18.78 -27.52 0.25
N ASP B 432 -17.64 -28.02 0.72
CA ASP B 432 -16.95 -27.50 1.91
C ASP B 432 -16.08 -26.26 1.63
N THR B 433 -15.90 -25.89 0.37
CA THR B 433 -15.09 -24.70 0.02
C THR B 433 -15.86 -23.58 -0.68
N HIS B 434 -17.03 -23.86 -1.26
CA HIS B 434 -17.67 -22.87 -2.12
C HIS B 434 -18.59 -21.92 -1.36
N LYS B 435 -18.68 -20.70 -1.89
CA LYS B 435 -19.53 -19.66 -1.32
C LYS B 435 -20.96 -20.13 -1.12
N LEU B 436 -21.55 -20.78 -2.12
CA LEU B 436 -23.00 -20.96 -2.12
C LEU B 436 -23.54 -21.86 -1.03
N PRO B 437 -22.84 -22.99 -0.76
CA PRO B 437 -23.23 -23.83 0.39
C PRO B 437 -23.30 -23.11 1.76
N ALA B 438 -22.69 -21.93 1.85
CA ALA B 438 -22.73 -21.08 3.03
C ALA B 438 -23.94 -20.16 3.07
N ARG B 439 -24.92 -20.33 2.17
CA ARG B 439 -26.18 -19.60 2.30
C ARG B 439 -27.30 -20.55 2.69
N GLY B 440 -27.03 -21.54 3.54
CA GLY B 440 -28.08 -22.46 3.99
C GLY B 440 -29.22 -21.74 4.67
N PRO B 441 -30.45 -22.18 4.44
CA PRO B 441 -31.53 -21.59 5.24
C PRO B 441 -31.27 -21.78 6.74
N MET B 442 -31.74 -20.84 7.56
CA MET B 442 -31.69 -20.98 9.02
C MET B 442 -32.47 -22.20 9.42
N PRO B 443 -31.84 -23.08 10.20
CA PRO B 443 -32.64 -24.15 10.77
C PRO B 443 -33.16 -23.68 12.12
N TRP B 444 -34.46 -23.48 12.18
CA TRP B 444 -35.07 -22.91 13.36
C TRP B 444 -35.64 -23.93 14.34
N ASN B 445 -36.03 -25.11 13.82
CA ASN B 445 -36.91 -26.05 14.55
C ASN B 445 -36.96 -27.45 13.90
N ASP B 446 -37.75 -28.35 14.49
CA ASP B 446 -37.92 -29.72 13.97
C ASP B 446 -39.14 -29.92 13.04
N THR B 447 -39.76 -28.84 12.56
CA THR B 447 -40.80 -28.93 11.54
C THR B 447 -40.19 -28.95 10.13
N GLU B 448 -41.03 -29.12 9.13
CA GLU B 448 -40.55 -29.43 7.79
C GLU B 448 -39.70 -28.28 7.22
N ASN B 449 -38.55 -28.64 6.66
CA ASN B 449 -37.48 -27.71 6.21
C ASN B 449 -36.90 -26.85 7.33
N ASN B 450 -36.95 -27.42 8.53
CA ASN B 450 -36.59 -26.76 9.78
C ASN B 450 -37.39 -25.48 10.04
N GLY B 451 -38.64 -25.48 9.62
CA GLY B 451 -39.56 -24.32 9.76
C GLY B 451 -39.17 -23.05 9.02
N PHE B 452 -38.20 -23.18 8.12
CA PHE B 452 -37.72 -22.05 7.32
C PHE B 452 -38.76 -21.62 6.32
N THR B 453 -39.52 -22.59 5.81
CA THR B 453 -40.52 -22.37 4.75
C THR B 453 -41.65 -23.36 4.93
N SER B 454 -42.39 -23.61 3.84
CA SER B 454 -43.20 -24.83 3.65
C SER B 454 -42.92 -25.52 2.30
N ALA B 455 -42.67 -24.74 1.23
CA ALA B 455 -42.33 -25.25 -0.13
C ALA B 455 -40.90 -25.75 -0.25
N LYS B 456 -40.49 -26.08 -1.48
CA LYS B 456 -39.07 -26.34 -1.80
C LYS B 456 -38.32 -25.09 -1.33
N PRO B 457 -37.32 -25.24 -0.43
CA PRO B 457 -36.47 -24.08 -0.12
C PRO B 457 -35.59 -23.78 -1.31
N TRP B 458 -35.29 -22.50 -1.53
CA TRP B 458 -34.65 -22.07 -2.77
C TRP B 458 -33.37 -22.82 -3.03
N LEU B 459 -32.72 -23.23 -1.94
CA LEU B 459 -31.56 -24.10 -1.96
C LEU B 459 -31.76 -25.16 -0.89
N ASN B 460 -31.55 -26.44 -1.19
CA ASN B 460 -31.34 -27.38 -0.09
C ASN B 460 -30.52 -28.60 -0.48
N GLY B 461 -29.86 -29.15 0.53
CA GLY B 461 -29.06 -30.35 0.44
C GLY B 461 -28.98 -31.02 1.81
N ILE B 462 -27.83 -31.61 2.12
CA ILE B 462 -27.71 -32.55 3.25
C ILE B 462 -27.95 -31.92 4.62
N SER B 463 -27.50 -30.69 4.82
CA SER B 463 -27.54 -30.02 6.13
C SER B 463 -26.77 -30.83 7.14
N GLN B 464 -25.56 -31.25 6.76
CA GLN B 464 -24.71 -32.05 7.65
C GLN B 464 -23.99 -31.18 8.66
N ASP B 465 -24.26 -31.28 9.97
CA ASP B 465 -25.32 -32.09 10.62
C ASP B 465 -26.28 -31.22 11.45
N ASP B 466 -27.37 -31.82 11.90
CA ASP B 466 -28.57 -31.11 12.31
C ASP B 466 -28.47 -30.31 13.61
N VAL B 467 -28.55 -29.00 13.43
CA VAL B 467 -28.63 -28.02 14.49
C VAL B 467 -29.93 -27.22 14.27
N THR B 468 -30.56 -26.78 15.36
CA THR B 468 -31.74 -25.91 15.29
C THR B 468 -31.72 -24.89 16.43
N VAL B 469 -32.37 -23.74 16.25
CA VAL B 469 -32.42 -22.77 17.36
C VAL B 469 -33.20 -23.29 18.57
N ALA B 470 -34.24 -24.08 18.35
CA ALA B 470 -34.95 -24.66 19.45
C ALA B 470 -33.99 -25.43 20.37
N ASN B 471 -33.11 -26.23 19.78
CA ASN B 471 -32.16 -27.06 20.55
C ASN B 471 -31.09 -26.26 21.32
N GLU B 472 -30.75 -25.05 20.85
CA GLU B 472 -29.62 -24.27 21.39
C GLU B 472 -29.99 -23.11 22.32
N VAL B 473 -31.20 -22.60 22.18
CA VAL B 473 -31.69 -21.55 23.05
C VAL B 473 -32.02 -22.11 24.46
N ASN B 474 -32.44 -23.37 24.53
CA ASN B 474 -32.69 -24.01 25.81
C ASN B 474 -31.37 -24.49 26.42
N SER B 475 -30.67 -25.33 25.67
CA SER B 475 -29.43 -25.96 26.11
C SER B 475 -28.37 -24.89 26.36
N ASP B 476 -28.02 -24.66 27.62
CA ASP B 476 -26.99 -23.65 27.94
C ASP B 476 -25.54 -24.14 27.74
N ASN B 477 -25.37 -25.39 27.35
CA ASN B 477 -24.10 -25.88 26.79
C ASN B 477 -23.81 -25.47 25.31
N SER B 478 -24.83 -24.96 24.61
CA SER B 478 -24.76 -24.75 23.15
C SER B 478 -23.88 -23.59 22.71
N MET B 479 -23.49 -23.62 21.44
CA MET B 479 -22.79 -22.52 20.75
C MET B 479 -23.50 -21.20 20.91
N PHE B 480 -24.78 -21.21 20.60
CA PHE B 480 -25.61 -20.03 20.73
C PHE B 480 -25.43 -19.34 22.10
N THR B 481 -25.58 -20.11 23.17
CA THR B 481 -25.53 -19.52 24.51
C THR B 481 -24.15 -18.96 24.76
N PHE B 482 -23.14 -19.60 24.19
CA PHE B 482 -21.78 -19.08 24.27
C PHE B 482 -21.69 -17.75 23.54
N TYR B 483 -22.18 -17.66 22.29
CA TYR B 483 -22.16 -16.32 21.62
C TYR B 483 -22.99 -15.32 22.41
N LYS B 484 -24.14 -15.73 22.95
CA LYS B 484 -24.96 -14.80 23.79
C LYS B 484 -24.19 -14.22 24.96
N ASN B 485 -23.54 -15.11 25.71
CA ASN B 485 -22.73 -14.67 26.84
C ASN B 485 -21.49 -13.89 26.40
N MET B 486 -20.83 -14.38 25.35
CA MET B 486 -19.70 -13.69 24.72
C MET B 486 -20.03 -12.30 24.27
N LEU B 487 -21.23 -12.12 23.73
CA LEU B 487 -21.64 -10.80 23.25
C LEU B 487 -21.98 -9.85 24.39
N ASN B 488 -22.55 -10.36 25.48
CA ASN B 488 -22.80 -9.51 26.65
C ASN B 488 -21.50 -9.05 27.33
N LEU B 489 -20.47 -9.88 27.28
CA LEU B 489 -19.14 -9.47 27.73
C LEU B 489 -18.54 -8.40 26.82
N LYS B 490 -18.71 -8.56 25.51
CA LYS B 490 -18.15 -7.60 24.55
C LYS B 490 -18.69 -6.18 24.77
N LYS B 491 -19.95 -6.08 25.20
CA LYS B 491 -20.56 -4.80 25.50
C LYS B 491 -19.88 -4.02 26.62
N GLU B 492 -19.21 -4.73 27.53
CA GLU B 492 -18.52 -4.09 28.67
C GLU B 492 -17.48 -3.07 28.21
N LYS B 493 -17.37 -1.99 29.01
CA LYS B 493 -16.51 -0.84 28.70
C LYS B 493 -15.09 -1.25 28.46
N LEU B 494 -14.66 -2.33 29.12
CA LEU B 494 -13.33 -2.86 28.92
C LEU B 494 -13.13 -3.30 27.46
N PHE B 495 -14.06 -4.12 26.97
CA PHE B 495 -13.92 -4.75 25.65
C PHE B 495 -14.45 -3.92 24.51
N GLN B 496 -15.19 -2.85 24.81
CA GLN B 496 -15.63 -1.94 23.75
C GLN B 496 -14.58 -0.88 23.52
N ASP B 497 -14.17 -0.19 24.58
CA ASP B 497 -13.31 0.99 24.47
C ASP B 497 -11.83 0.78 24.87
N GLY B 498 -11.49 -0.34 25.49
CA GLY B 498 -10.13 -0.57 25.99
C GLY B 498 -9.10 -0.74 24.88
N THR B 499 -7.84 -0.48 25.21
CA THR B 499 -6.73 -0.69 24.27
C THR B 499 -6.46 -2.16 24.12
N TYR B 500 -5.76 -2.49 23.07
CA TYR B 500 -5.48 -3.88 22.75
C TYR B 500 -4.01 -3.98 22.62
N TYR B 501 -3.49 -5.09 23.14
CA TYR B 501 -2.10 -5.42 23.00
C TYR B 501 -2.04 -6.96 22.93
N MET B 502 -1.48 -7.46 21.82
CA MET B 502 -1.25 -8.90 21.65
C MET B 502 -0.06 -9.39 22.48
N ILE B 503 -0.25 -10.43 23.29
CA ILE B 503 0.80 -10.96 24.18
C ILE B 503 1.82 -11.73 23.35
N SER B 504 3.07 -11.70 23.79
CA SER B 504 4.15 -12.48 23.20
C SER B 504 3.68 -13.90 22.99
N THR B 505 4.17 -14.49 21.91
CA THR B 505 3.44 -15.50 21.17
C THR B 505 3.71 -16.97 21.50
N GLY B 506 2.72 -17.67 22.04
CA GLY B 506 2.65 -19.11 21.83
C GLY B 506 2.25 -19.26 20.36
N LYS B 507 3.06 -19.93 19.53
CA LYS B 507 2.76 -20.06 18.08
C LYS B 507 1.65 -21.11 17.96
N ASP B 508 1.63 -22.01 18.94
CA ASP B 508 0.43 -22.73 19.38
C ASP B 508 -0.82 -21.90 19.59
N SER B 509 -0.74 -20.80 20.33
CA SER B 509 -1.94 -20.13 20.88
C SER B 509 -2.02 -18.61 20.67
N TYR B 510 -3.24 -18.15 20.40
CA TYR B 510 -3.56 -16.74 20.28
C TYR B 510 -3.92 -16.21 21.68
N VAL B 511 -3.28 -15.12 22.08
CA VAL B 511 -3.50 -14.51 23.41
C VAL B 511 -3.21 -13.00 23.34
N TYR B 512 -4.00 -12.23 24.07
CA TYR B 512 -3.91 -10.77 24.05
C TYR B 512 -4.50 -10.16 25.32
N GLN B 513 -4.30 -8.86 25.49
CA GLN B 513 -4.75 -8.16 26.68
C GLN B 513 -5.52 -6.90 26.30
N ARG B 514 -6.59 -6.66 27.05
CA ARG B 514 -7.43 -5.49 26.90
C ARG B 514 -7.36 -4.75 28.19
N ASP B 515 -7.15 -3.43 28.12
CA ASP B 515 -6.99 -2.59 29.33
C ASP B 515 -7.61 -1.18 29.18
N LEU B 516 -8.42 -0.81 30.17
CA LEU B 516 -8.92 0.55 30.36
C LEU B 516 -7.87 1.43 31.09
N GLY B 517 -6.77 0.83 31.56
CA GLY B 517 -5.73 1.50 32.35
C GLY B 517 -6.06 1.09 33.78
N ASN B 518 -7.25 1.47 34.21
CA ASN B 518 -7.78 1.16 35.52
C ASN B 518 -7.96 -0.32 35.73
N GLU B 519 -8.56 -0.95 34.74
CA GLU B 519 -8.84 -2.40 34.78
C GLU B 519 -8.18 -3.05 33.58
N SER B 520 -8.07 -4.38 33.65
CA SER B 520 -7.26 -5.15 32.69
C SER B 520 -7.72 -6.62 32.66
N ALA B 521 -7.64 -7.24 31.48
CA ALA B 521 -8.01 -8.65 31.29
C ALA B 521 -7.20 -9.31 30.18
N ILE B 522 -7.11 -10.64 30.26
CA ILE B 522 -6.37 -11.40 29.30
C ILE B 522 -7.28 -12.47 28.68
N VAL B 523 -7.32 -12.44 27.35
CA VAL B 523 -7.95 -13.47 26.54
C VAL B 523 -6.82 -14.40 26.09
N ALA B 524 -7.08 -15.70 26.21
CA ALA B 524 -6.11 -16.69 25.81
C ALA B 524 -6.83 -17.87 25.18
N VAL B 525 -6.39 -18.26 23.97
CA VAL B 525 -7.05 -19.28 23.19
C VAL B 525 -6.04 -20.25 22.60
N SER B 526 -6.29 -21.54 22.88
CA SER B 526 -5.49 -22.64 22.35
C SER B 526 -5.89 -22.88 20.91
N LEU B 527 -4.88 -22.99 20.04
CA LEU B 527 -5.09 -23.39 18.65
C LEU B 527 -4.50 -24.76 18.38
N SER B 528 -4.13 -25.48 19.45
CA SER B 528 -3.57 -26.82 19.31
C SER B 528 -4.63 -27.85 19.66
N ASN B 529 -4.55 -29.01 19.01
CA ASN B 529 -5.34 -30.19 19.36
C ASN B 529 -4.80 -30.95 20.62
N LYS B 530 -3.56 -30.64 21.05
CA LYS B 530 -2.95 -31.17 22.27
C LYS B 530 -3.10 -30.12 23.36
N LYS B 531 -3.37 -30.52 24.61
CA LYS B 531 -3.50 -29.53 25.69
C LYS B 531 -2.15 -28.83 25.92
N ILE B 532 -2.20 -27.52 26.21
CA ILE B 532 -1.00 -26.70 26.31
C ILE B 532 -1.06 -25.67 27.42
N SER B 533 0.13 -25.17 27.75
CA SER B 533 0.41 -24.38 28.94
C SER B 533 0.93 -22.97 28.64
N ILE B 534 0.60 -22.05 29.54
CA ILE B 534 0.72 -20.61 29.32
C ILE B 534 1.32 -19.99 30.57
N ASP B 535 2.37 -19.18 30.39
CA ASP B 535 2.98 -18.42 31.50
C ASP B 535 2.41 -16.99 31.55
N LEU B 536 1.88 -16.58 32.69
CA LEU B 536 1.19 -15.29 32.83
C LEU B 536 1.06 -14.86 34.30
N PRO B 537 0.83 -13.55 34.56
CA PRO B 537 0.67 -13.02 35.93
C PRO B 537 -0.38 -13.70 36.82
N GLU B 538 -0.30 -13.37 38.11
CA GLU B 538 -1.00 -14.10 39.18
C GLU B 538 -0.51 -15.54 39.22
N GLU B 543 -7.56 -13.51 39.52
CA GLU B 543 -7.60 -13.83 38.10
C GLU B 543 -8.99 -14.44 37.77
N LEU B 544 -9.99 -13.58 37.51
CA LEU B 544 -11.43 -13.95 37.44
C LEU B 544 -11.93 -14.35 36.03
N LEU B 545 -12.69 -15.44 35.92
CA LEU B 545 -13.22 -15.95 34.63
C LEU B 545 -14.71 -15.62 34.39
N LYS B 546 -15.09 -15.56 33.11
CA LYS B 546 -16.48 -15.31 32.65
C LYS B 546 -16.88 -16.16 31.44
N ALA B 547 -16.08 -16.12 30.37
CA ALA B 547 -16.28 -16.99 29.22
C ALA B 547 -15.14 -18.00 29.26
N GLY B 548 -15.46 -19.28 29.06
CA GLY B 548 -14.45 -20.32 29.11
C GLY B 548 -15.04 -21.72 28.93
N GLU B 549 -14.19 -22.73 28.63
CA GLU B 549 -14.60 -24.15 28.42
C GLU B 549 -13.54 -25.23 28.83
N TYR B 550 -13.22 -25.33 30.13
CA TYR B 550 -12.25 -26.31 30.75
C TYR B 550 -10.74 -25.92 30.81
N GLN B 551 -10.23 -25.56 32.01
CA GLN B 551 -8.81 -25.11 32.21
C GLN B 551 -8.24 -25.22 33.68
N LEU B 552 -6.97 -24.88 33.85
CA LEU B 552 -6.25 -24.99 35.14
C LEU B 552 -5.95 -23.60 35.74
N THR B 553 -5.88 -23.48 37.08
CA THR B 553 -6.03 -22.19 37.82
C THR B 553 -4.81 -21.61 38.60
N ASN B 554 -3.62 -22.20 38.46
CA ASN B 554 -2.53 -22.05 39.48
C ASN B 554 -1.77 -20.72 39.54
N GLY B 555 -1.55 -20.11 38.38
CA GLY B 555 -0.60 -19.02 38.25
C GLY B 555 0.04 -19.19 36.88
N LYS B 556 0.45 -20.44 36.62
CA LYS B 556 0.63 -20.92 35.25
C LYS B 556 -0.71 -21.48 34.80
N LEU B 557 -0.98 -21.42 33.49
CA LEU B 557 -2.26 -21.84 32.93
C LEU B 557 -2.14 -22.98 31.90
N THR B 558 -3.00 -24.00 32.02
CA THR B 558 -3.07 -25.15 31.10
C THR B 558 -4.47 -25.23 30.51
N LEU B 559 -4.55 -25.32 29.18
CA LEU B 559 -5.82 -25.26 28.44
C LEU B 559 -6.12 -26.58 27.77
N MET B 560 -7.34 -27.08 27.94
CA MET B 560 -7.75 -28.28 27.21
C MET B 560 -7.65 -28.02 25.71
N PRO B 561 -7.52 -29.09 24.89
CA PRO B 561 -7.29 -28.93 23.44
C PRO B 561 -8.30 -28.03 22.66
N TYR B 562 -7.78 -26.99 21.99
CA TYR B 562 -8.59 -25.93 21.33
C TYR B 562 -9.58 -25.26 22.27
N ALA B 563 -9.24 -25.05 23.54
CA ALA B 563 -10.10 -24.30 24.47
C ALA B 563 -9.56 -22.87 24.64
N GLY B 564 -10.25 -22.08 25.46
CA GLY B 564 -9.88 -20.69 25.65
C GLY B 564 -10.60 -20.07 26.81
N VAL B 565 -10.00 -19.01 27.36
CA VAL B 565 -10.57 -18.37 28.53
C VAL B 565 -10.21 -16.87 28.62
N VAL B 566 -11.13 -16.14 29.28
CA VAL B 566 -11.03 -14.72 29.51
C VAL B 566 -10.82 -14.53 31.01
N LEU B 567 -9.71 -13.88 31.35
CA LEU B 567 -9.24 -13.72 32.72
C LEU B 567 -9.00 -12.26 33.07
N LYS B 568 -9.88 -11.71 33.90
CA LYS B 568 -9.74 -10.36 34.43
C LYS B 568 -8.70 -10.39 35.52
N LYS B 569 -7.77 -9.44 35.49
CA LYS B 569 -6.66 -9.45 36.42
C LYS B 569 -7.10 -8.80 37.77
N GLU B 570 -6.53 -9.31 38.88
CA GLU B 570 -6.99 -9.03 40.28
C GLU B 570 -8.49 -9.29 40.49
#